data_4PG8
#
_entry.id   4PG8
#
_cell.length_a   72.870
_cell.length_b   117.510
_cell.length_c   119.530
_cell.angle_alpha   90.000
_cell.angle_beta   90.000
_cell.angle_gamma   90.000
#
_symmetry.space_group_name_H-M   'P 21 21 21'
#
loop_
_entity.id
_entity.type
_entity.pdbx_description
1 polymer 'Homoserine dehydrogenase'
2 non-polymer 'ACETATE ION'
3 non-polymer DI(HYDROXYETHYL)ETHER
4 non-polymer GLYCEROL
5 non-polymer 'DIMETHYL SULFOXIDE'
6 water water
#
_entity_poly.entity_id   1
_entity_poly.type   'polypeptide(L)'
_entity_poly.pdbx_seq_one_letter_code
;MGSSHHHHHHSSGLVPRGSHMKKLNIALLGLGTVGSGVVKIIEENRQQIQDTLNKDIVIKHILVRDKSKKRPLNISQYHL
TEDVNEILNDDSLDIIVEVMGGIEPTVDWLRTALKNKKHVITANKDLLAVHLKLLEDLAEENGVALKFEASVAGGIPIVN
AINNGLNANNISKFMGILNGTSNFILSKMTKEQTTFEEALDEAKRLGFAEADPTDDVEGVDAARKVVITSYLSFNQVIKL
NDVKRRGISGVTLTDINVADQLGYKIKLIGKGIYENGKVNASVEPTLIDKKHQLAAVEDEYNAIYVIGDAVGDTMFYGKG
AGSLATGSAVVSDLLNVALFFESDLHTLPPHFELKTDKTREMMDSDAEINIKEKSNFFVVVNHVKGSIENFENELKAILP
FHRSLRVANYDNQSYAAVIVGLESSPEELITKHGYEVDKVYPVEGVLEDPAANKARKEAELAAATAEQ
;
_entity_poly.pdbx_strand_id   A,B
#
loop_
_chem_comp.id
_chem_comp.type
_chem_comp.name
_chem_comp.formula
ACT non-polymer 'ACETATE ION' 'C2 H3 O2 -1'
DMS non-polymer 'DIMETHYL SULFOXIDE' 'C2 H6 O S'
GOL non-polymer GLYCEROL 'C3 H8 O3'
PEG non-polymer DI(HYDROXYETHYL)ETHER 'C4 H10 O3'
#
# COMPACT_ATOMS: atom_id res chain seq x y z
N HIS A 20 19.42 26.29 -26.99
CA HIS A 20 18.14 25.52 -26.82
C HIS A 20 17.71 25.40 -25.35
N MET A 21 18.67 25.43 -24.42
CA MET A 21 18.37 25.17 -23.01
C MET A 21 17.44 26.23 -22.39
N LYS A 22 16.33 25.77 -21.81
CA LYS A 22 15.34 26.62 -21.14
C LYS A 22 15.66 26.80 -19.65
N LYS A 23 15.80 28.05 -19.22
CA LYS A 23 16.11 28.37 -17.83
C LYS A 23 14.84 28.32 -16.97
N LEU A 24 14.87 27.52 -15.91
CA LEU A 24 13.80 27.50 -14.91
C LEU A 24 14.28 28.24 -13.67
N ASN A 25 13.75 29.43 -13.46
CA ASN A 25 14.10 30.24 -12.32
C ASN A 25 13.19 29.92 -11.15
N ILE A 26 13.78 29.45 -10.06
CA ILE A 26 12.98 29.12 -8.88
C ILE A 26 13.50 29.87 -7.66
N ALA A 27 12.64 29.94 -6.65
CA ALA A 27 13.00 30.45 -5.35
C ALA A 27 12.60 29.44 -4.27
N LEU A 28 13.41 29.35 -3.21
CA LEU A 28 13.08 28.51 -2.05
C LEU A 28 12.69 29.36 -0.89
N LEU A 29 11.58 29.02 -0.26
CA LEU A 29 11.19 29.67 0.99
C LEU A 29 11.58 28.73 2.13
N GLY A 30 12.68 29.06 2.80
CA GLY A 30 13.16 28.30 3.95
C GLY A 30 14.36 27.43 3.61
N LEU A 31 15.21 27.21 4.60
CA LEU A 31 16.45 26.46 4.39
C LEU A 31 16.84 25.65 5.63
N GLY A 32 15.92 24.81 6.09
CA GLY A 32 16.22 23.89 7.17
C GLY A 32 16.79 22.61 6.58
N THR A 33 16.54 21.49 7.24
CA THR A 33 17.04 20.21 6.78
C THR A 33 16.41 19.88 5.44
N VAL A 34 15.11 20.15 5.31
CA VAL A 34 14.43 19.84 4.06
C VAL A 34 14.92 20.77 2.92
N GLY A 35 14.99 22.08 3.19
CA GLY A 35 15.47 23.02 2.15
C GLY A 35 16.88 22.72 1.72
N SER A 36 17.76 22.47 2.69
CA SER A 36 19.14 22.10 2.36
C SER A 36 19.20 20.85 1.50
N GLY A 37 18.37 19.86 1.84
CA GLY A 37 18.24 18.65 1.04
C GLY A 37 17.76 18.90 -0.37
N VAL A 38 16.78 19.78 -0.53
CA VAL A 38 16.30 20.14 -1.88
C VAL A 38 17.43 20.73 -2.71
N VAL A 39 18.21 21.60 -2.09
CA VAL A 39 19.32 22.27 -2.76
C VAL A 39 20.37 21.25 -3.20
N LYS A 40 20.76 20.39 -2.28
CA LYS A 40 21.75 19.35 -2.56
C LYS A 40 21.29 18.49 -3.73
N ILE A 41 20.06 18.02 -3.64
CA ILE A 41 19.51 17.17 -4.68
C ILE A 41 19.50 17.88 -6.04
N ILE A 42 19.16 19.17 -6.05
CA ILE A 42 19.16 19.91 -7.32
C ILE A 42 20.59 20.02 -7.89
N GLU A 43 21.54 20.34 -7.03
CA GLU A 43 22.94 20.47 -7.45
C GLU A 43 23.49 19.20 -8.09
N GLU A 44 23.31 18.07 -7.42
CA GLU A 44 23.88 16.82 -7.89
C GLU A 44 23.19 16.27 -9.13
N ASN A 45 21.99 16.75 -9.42
CA ASN A 45 21.28 16.31 -10.61
C ASN A 45 21.14 17.36 -11.69
N ARG A 46 21.72 18.54 -11.46
CA ARG A 46 21.55 19.67 -12.38
C ARG A 46 22.02 19.33 -13.77
N GLN A 47 23.24 18.79 -13.84
CA GLN A 47 23.84 18.36 -15.09
C GLN A 47 22.92 17.38 -15.83
N GLN A 48 22.36 16.44 -15.08
CA GLN A 48 21.48 15.42 -15.65
C GLN A 48 20.14 15.98 -16.13
N ILE A 49 19.60 16.92 -15.36
CA ILE A 49 18.32 17.55 -15.70
C ILE A 49 18.50 18.44 -16.93
N GLN A 50 19.65 19.10 -17.01
CA GLN A 50 20.04 19.82 -18.23
C GLN A 50 20.09 18.88 -19.44
N ASP A 51 20.93 17.85 -19.36
CA ASP A 51 21.18 16.94 -20.48
C ASP A 51 19.93 16.12 -20.87
N THR A 52 19.32 15.48 -19.87
CA THR A 52 18.18 14.60 -20.09
C THR A 52 16.86 15.33 -20.43
N LEU A 53 16.73 16.57 -19.97
CA LEU A 53 15.48 17.36 -20.19
C LEU A 53 15.63 18.78 -20.78
N ASN A 54 16.86 19.21 -21.05
CA ASN A 54 17.13 20.56 -21.59
C ASN A 54 16.50 21.73 -20.81
N LYS A 55 16.22 21.50 -19.53
CA LYS A 55 15.87 22.57 -18.59
C LYS A 55 17.04 22.81 -17.65
N ASP A 56 17.36 24.07 -17.43
CA ASP A 56 18.39 24.48 -16.47
C ASP A 56 17.74 25.13 -15.26
N ILE A 57 17.69 24.41 -14.14
CA ILE A 57 17.09 24.93 -12.91
C ILE A 57 18.04 25.88 -12.17
N VAL A 58 17.60 27.13 -12.02
CA VAL A 58 18.39 28.14 -11.32
C VAL A 58 17.65 28.49 -10.03
N ILE A 59 18.32 28.22 -8.91
CA ILE A 59 17.83 28.67 -7.62
C ILE A 59 18.27 30.13 -7.47
N LYS A 60 17.35 31.04 -7.78
CA LYS A 60 17.69 32.46 -7.86
C LYS A 60 17.66 33.17 -6.52
N HIS A 61 16.75 32.75 -5.63
CA HIS A 61 16.66 33.31 -4.29
C HIS A 61 16.35 32.18 -3.29
N ILE A 62 16.87 32.34 -2.07
CA ILE A 62 16.45 31.54 -0.95
C ILE A 62 16.04 32.46 0.19
N LEU A 63 14.79 32.35 0.63
CA LEU A 63 14.32 33.08 1.79
C LEU A 63 14.74 32.34 3.06
N VAL A 64 15.40 33.07 3.95
CA VAL A 64 15.73 32.58 5.27
C VAL A 64 15.32 33.58 6.32
N ARG A 65 15.22 33.11 7.56
CA ARG A 65 14.91 33.99 8.69
C ARG A 65 16.10 34.88 9.03
N ASP A 66 17.30 34.30 9.00
CA ASP A 66 18.53 35.02 9.36
C ASP A 66 19.69 34.84 8.34
N LYS A 67 19.93 35.91 7.60
CA LYS A 67 20.93 35.96 6.53
C LYS A 67 22.38 35.89 7.06
N SER A 68 22.58 36.22 8.34
CA SER A 68 23.90 36.19 8.98
C SER A 68 24.38 34.78 9.39
N LYS A 69 23.45 33.84 9.56
CA LYS A 69 23.78 32.52 10.12
C LYS A 69 24.95 31.86 9.38
N LYS A 70 25.82 31.19 10.12
CA LYS A 70 26.89 30.42 9.52
C LYS A 70 26.25 29.25 8.81
N ARG A 71 26.59 29.08 7.54
CA ARG A 71 26.04 28.02 6.71
C ARG A 71 27.11 27.30 5.93
N PRO A 72 26.83 26.05 5.48
CA PRO A 72 27.86 25.38 4.67
C PRO A 72 28.23 26.21 3.43
N LEU A 73 29.41 25.92 2.88
CA LEU A 73 29.98 26.64 1.73
C LEU A 73 29.07 26.63 0.50
N ASN A 74 28.39 25.51 0.26
CA ASN A 74 27.55 25.39 -0.92
C ASN A 74 26.39 26.42 -0.88
N ILE A 75 25.86 26.69 0.31
CA ILE A 75 24.81 27.70 0.49
C ILE A 75 25.28 29.11 0.14
N SER A 76 26.50 29.46 0.50
CA SER A 76 27.05 30.79 0.22
C SER A 76 26.96 31.24 -1.25
N GLN A 77 26.85 30.33 -2.21
CA GLN A 77 26.81 30.73 -3.62
C GLN A 77 25.43 31.17 -4.07
N TYR A 78 24.39 30.89 -3.29
CA TYR A 78 23.03 31.27 -3.63
C TYR A 78 22.72 32.62 -3.04
N HIS A 79 21.82 33.34 -3.67
CA HIS A 79 21.39 34.62 -3.13
C HIS A 79 20.35 34.44 -2.00
N LEU A 80 20.76 34.77 -0.78
CA LEU A 80 19.88 34.64 0.38
C LEU A 80 19.23 35.98 0.63
N THR A 81 17.96 35.94 1.03
CA THR A 81 17.25 37.15 1.39
C THR A 81 16.34 36.91 2.58
N GLU A 82 16.00 37.97 3.31
CA GLU A 82 15.04 37.92 4.40
C GLU A 82 13.74 38.57 4.01
N ASP A 83 13.66 39.04 2.78
CA ASP A 83 12.50 39.79 2.35
C ASP A 83 11.73 38.98 1.35
N VAL A 84 10.60 38.43 1.78
CA VAL A 84 9.78 37.57 0.94
C VAL A 84 9.21 38.31 -0.28
N ASN A 85 9.03 39.62 -0.16
CA ASN A 85 8.56 40.42 -1.28
C ASN A 85 9.56 40.49 -2.43
N GLU A 86 10.84 40.35 -2.12
CA GLU A 86 11.86 40.26 -3.17
C GLU A 86 11.61 39.05 -4.06
N ILE A 87 11.15 37.96 -3.47
CA ILE A 87 10.84 36.77 -4.23
C ILE A 87 9.48 36.91 -4.94
N LEU A 88 8.47 37.40 -4.23
CA LEU A 88 7.13 37.42 -4.77
C LEU A 88 7.00 38.42 -5.94
N ASN A 89 7.81 39.46 -5.93
CA ASN A 89 7.81 40.46 -6.99
C ASN A 89 8.82 40.21 -8.11
N ASP A 90 9.55 39.09 -8.06
CA ASP A 90 10.50 38.81 -9.11
C ASP A 90 9.78 38.09 -10.25
N ASP A 91 9.52 38.81 -11.33
CA ASP A 91 8.71 38.29 -12.46
C ASP A 91 9.41 37.22 -13.25
N SER A 92 10.72 37.12 -13.11
CA SER A 92 11.46 36.08 -13.80
C SER A 92 11.26 34.70 -13.20
N LEU A 93 10.76 34.62 -11.96
CA LEU A 93 10.57 33.31 -11.31
C LEU A 93 9.42 32.57 -11.94
N ASP A 94 9.64 31.28 -12.16
CA ASP A 94 8.66 30.36 -12.72
C ASP A 94 7.97 29.56 -11.61
N ILE A 95 8.75 29.17 -10.59
CA ILE A 95 8.26 28.26 -9.55
C ILE A 95 8.76 28.66 -8.17
N ILE A 96 7.85 28.62 -7.19
CA ILE A 96 8.19 28.86 -5.78
C ILE A 96 8.07 27.56 -5.00
N VAL A 97 9.15 27.21 -4.31
CA VAL A 97 9.24 25.99 -3.51
C VAL A 97 9.25 26.41 -2.05
N GLU A 98 8.17 26.08 -1.36
CA GLU A 98 8.04 26.48 0.04
C GLU A 98 8.26 25.28 0.95
N VAL A 99 9.25 25.43 1.84
CA VAL A 99 9.62 24.42 2.85
C VAL A 99 9.79 25.10 4.20
N MET A 100 9.02 26.14 4.45
CA MET A 100 9.22 27.00 5.62
C MET A 100 8.37 26.55 6.80
N GLY A 101 7.20 25.99 6.52
CA GLY A 101 6.24 25.68 7.56
C GLY A 101 5.40 26.89 7.90
N GLY A 102 4.38 26.66 8.73
CA GLY A 102 3.56 27.74 9.25
C GLY A 102 2.31 27.94 8.41
N ILE A 103 1.29 28.50 9.04
CA ILE A 103 0.07 28.92 8.37
C ILE A 103 0.12 30.42 8.08
N GLU A 104 0.50 31.20 9.08
CA GLU A 104 0.65 32.65 8.92
C GLU A 104 2.08 33.07 9.23
N PRO A 105 2.69 33.84 8.32
CA PRO A 105 2.12 34.39 7.09
C PRO A 105 2.23 33.47 5.84
N THR A 106 2.67 32.23 6.04
CA THR A 106 3.11 31.38 4.92
C THR A 106 2.05 31.19 3.84
N VAL A 107 0.81 30.92 4.25
CA VAL A 107 -0.25 30.65 3.27
C VAL A 107 -0.52 31.86 2.38
N ASP A 108 -0.51 33.05 2.96
CA ASP A 108 -0.67 34.29 2.18
C ASP A 108 0.45 34.47 1.15
N TRP A 109 1.67 34.13 1.53
CA TRP A 109 2.77 34.09 0.60
C TRP A 109 2.43 33.25 -0.60
N LEU A 110 1.89 32.06 -0.35
CA LEU A 110 1.61 31.15 -1.44
C LEU A 110 0.45 31.67 -2.29
N ARG A 111 -0.51 32.33 -1.65
CA ARG A 111 -1.63 32.93 -2.37
C ARG A 111 -1.13 33.98 -3.35
N THR A 112 -0.24 34.85 -2.88
CA THR A 112 0.32 35.90 -3.72
C THR A 112 1.09 35.27 -4.91
N ALA A 113 1.88 34.27 -4.63
CA ALA A 113 2.63 33.57 -5.66
C ALA A 113 1.71 33.03 -6.76
N LEU A 114 0.61 32.40 -6.36
CA LEU A 114 -0.33 31.81 -7.32
C LEU A 114 -1.03 32.89 -8.15
N LYS A 115 -1.40 33.99 -7.51
CA LYS A 115 -2.01 35.11 -8.18
C LYS A 115 -1.06 35.79 -9.18
N ASN A 116 0.23 35.71 -8.89
CA ASN A 116 1.27 36.18 -9.81
C ASN A 116 1.68 35.13 -10.83
N LYS A 117 0.88 34.08 -10.97
CA LYS A 117 1.07 33.08 -12.02
C LYS A 117 2.35 32.30 -11.82
N LYS A 118 2.69 32.01 -10.57
CA LYS A 118 3.82 31.14 -10.28
C LYS A 118 3.32 29.80 -9.78
N HIS A 119 3.92 28.74 -10.32
CA HIS A 119 3.69 27.40 -9.82
C HIS A 119 4.22 27.33 -8.38
N VAL A 120 3.52 26.57 -7.53
CA VAL A 120 3.91 26.42 -6.15
C VAL A 120 4.05 24.96 -5.80
N ILE A 121 5.19 24.63 -5.20
CA ILE A 121 5.43 23.34 -4.62
C ILE A 121 5.70 23.58 -3.16
N THR A 122 4.98 22.88 -2.30
CA THR A 122 5.14 23.03 -0.86
C THR A 122 5.28 21.67 -0.18
N ALA A 123 6.16 21.63 0.83
CA ALA A 123 6.21 20.51 1.79
C ALA A 123 5.84 20.99 3.18
N ASN A 124 5.00 22.01 3.25
CA ASN A 124 4.61 22.60 4.50
C ASN A 124 3.77 21.63 5.34
N LYS A 125 4.33 21.19 6.46
CA LYS A 125 3.74 20.13 7.28
C LYS A 125 2.59 20.63 8.14
N ASP A 126 2.38 21.94 8.18
CA ASP A 126 1.31 22.51 8.99
C ASP A 126 0.03 22.75 8.24
N LEU A 127 0.05 22.58 6.91
CA LEU A 127 -1.14 22.82 6.08
C LEU A 127 -2.20 21.76 6.40
N LEU A 128 -3.45 22.21 6.43
CA LEU A 128 -4.59 21.37 6.72
C LEU A 128 -5.51 21.46 5.52
N ALA A 129 -6.65 20.78 5.58
CA ALA A 129 -7.50 20.67 4.42
C ALA A 129 -8.02 22.03 3.94
N VAL A 130 -8.37 22.88 4.88
CA VAL A 130 -8.88 24.21 4.54
C VAL A 130 -7.87 24.95 3.65
N HIS A 131 -6.60 24.83 4.02
CA HIS A 131 -5.55 25.50 3.31
C HIS A 131 -5.29 24.87 1.94
N LEU A 132 -5.29 23.54 1.86
CA LEU A 132 -5.02 22.86 0.61
C LEU A 132 -6.11 23.16 -0.41
N LYS A 133 -7.34 23.25 0.08
CA LYS A 133 -8.48 23.49 -0.79
C LYS A 133 -8.38 24.86 -1.42
N LEU A 134 -8.18 25.87 -0.58
CA LEU A 134 -8.15 27.25 -1.06
C LEU A 134 -6.95 27.47 -2.00
N LEU A 135 -5.81 26.83 -1.73
CA LEU A 135 -4.65 26.97 -2.61
C LEU A 135 -4.86 26.23 -3.92
N GLU A 136 -5.42 25.02 -3.85
CA GLU A 136 -5.72 24.27 -5.08
C GLU A 136 -6.62 25.07 -6.04
N ASP A 137 -7.64 25.73 -5.51
CA ASP A 137 -8.63 26.45 -6.33
C ASP A 137 -7.98 27.69 -6.92
N LEU A 138 -7.16 28.34 -6.11
CA LEU A 138 -6.48 29.53 -6.50
C LEU A 138 -5.50 29.19 -7.63
N ALA A 139 -4.82 28.06 -7.51
CA ALA A 139 -3.90 27.59 -8.55
C ALA A 139 -4.65 27.33 -9.88
N GLU A 140 -5.72 26.56 -9.83
CA GLU A 140 -6.52 26.25 -11.02
C GLU A 140 -7.03 27.53 -11.68
N GLU A 141 -7.51 28.43 -10.83
CA GLU A 141 -8.00 29.73 -11.23
C GLU A 141 -6.96 30.59 -11.98
N ASN A 142 -5.70 30.47 -11.58
CA ASN A 142 -4.63 31.25 -12.19
C ASN A 142 -3.80 30.48 -13.22
N GLY A 143 -4.28 29.30 -13.60
CA GLY A 143 -3.63 28.49 -14.63
C GLY A 143 -2.28 27.91 -14.28
N VAL A 144 -2.03 27.67 -12.99
CA VAL A 144 -0.74 27.16 -12.51
C VAL A 144 -0.93 25.93 -11.62
N ALA A 145 0.16 25.26 -11.31
CA ALA A 145 0.20 24.03 -10.56
C ALA A 145 0.41 24.30 -9.09
N LEU A 146 -0.28 23.54 -8.25
CA LEU A 146 0.02 23.47 -6.83
C LEU A 146 0.34 22.02 -6.54
N LYS A 147 1.54 21.76 -6.01
CA LYS A 147 1.98 20.42 -5.68
C LYS A 147 2.31 20.33 -4.20
N PHE A 148 1.76 19.35 -3.51
CA PHE A 148 1.99 19.21 -2.08
C PHE A 148 2.32 17.79 -1.64
N GLU A 149 2.76 16.94 -2.57
CA GLU A 149 3.16 15.55 -2.27
C GLU A 149 4.12 15.49 -1.10
N ALA A 150 5.13 16.35 -1.11
CA ALA A 150 6.12 16.36 -0.02
C ALA A 150 5.46 16.74 1.31
N SER A 151 4.41 17.53 1.23
CA SER A 151 3.61 17.90 2.40
C SER A 151 2.82 16.74 2.99
N VAL A 152 2.24 15.90 2.13
CA VAL A 152 1.38 14.79 2.56
C VAL A 152 2.15 13.55 3.07
N ALA A 153 3.39 13.37 2.59
CA ALA A 153 4.43 12.56 3.24
C ALA A 153 4.15 11.09 3.59
N GLY A 154 4.21 10.22 2.58
CA GLY A 154 4.16 8.77 2.79
C GLY A 154 2.77 8.22 3.06
N GLY A 155 2.54 6.97 2.69
CA GLY A 155 1.26 6.29 2.91
C GLY A 155 1.04 5.90 4.35
N PRO A 157 1.25 6.88 -0.63
CA PRO A 157 0.12 7.56 -1.25
C PRO A 157 -0.32 8.79 -0.46
N ASN A 169 -11.89 3.81 -6.32
CA ASN A 169 -12.10 5.26 -6.25
C ASN A 169 -12.87 5.66 -4.97
N ASN A 170 -14.03 5.02 -4.78
CA ASN A 170 -14.97 5.41 -3.72
C ASN A 170 -14.71 4.77 -2.36
N ILE A 171 -14.02 5.53 -1.54
CA ILE A 171 -13.65 5.16 -0.18
C ILE A 171 -14.75 5.61 0.76
N SER A 172 -15.21 4.72 1.61
CA SER A 172 -16.22 5.04 2.61
C SER A 172 -15.63 5.15 4.00
N LYS A 173 -14.47 4.54 4.21
CA LYS A 173 -13.86 4.51 5.53
C LYS A 173 -12.37 4.30 5.38
N PHE A 174 -11.58 4.95 6.24
CA PHE A 174 -10.19 4.58 6.44
C PHE A 174 -9.87 4.52 7.90
N MET A 175 -8.89 3.67 8.22
CA MET A 175 -8.35 3.55 9.57
C MET A 175 -6.86 3.48 9.42
N GLY A 176 -6.15 4.25 10.23
CA GLY A 176 -4.73 4.31 10.11
C GLY A 176 -3.97 4.41 11.41
N ILE A 177 -2.76 3.88 11.36
CA ILE A 177 -1.74 4.10 12.36
C ILE A 177 -0.87 5.19 11.76
N LEU A 178 -1.00 6.42 12.28
CA LEU A 178 -0.53 7.62 11.59
C LEU A 178 0.56 8.37 12.33
N ASN A 179 1.01 7.84 13.46
CA ASN A 179 2.05 8.48 14.24
C ASN A 179 3.01 7.39 14.71
N GLY A 180 4.25 7.43 14.22
CA GLY A 180 5.28 6.44 14.57
C GLY A 180 5.62 6.38 16.04
N THR A 181 5.80 7.54 16.67
CA THR A 181 6.20 7.57 18.08
C THR A 181 5.19 6.87 19.00
N SER A 182 3.92 7.19 18.80
CA SER A 182 2.82 6.58 19.56
C SER A 182 2.73 5.10 19.37
N ASN A 183 2.84 4.67 18.12
CA ASN A 183 2.80 3.25 17.83
C ASN A 183 3.98 2.54 18.44
N PHE A 184 5.15 3.19 18.39
CA PHE A 184 6.38 2.61 18.98
C PHE A 184 6.17 2.37 20.47
N ILE A 185 5.64 3.38 21.13
CA ILE A 185 5.39 3.27 22.57
C ILE A 185 4.44 2.14 22.90
N LEU A 186 3.31 2.05 22.19
CA LEU A 186 2.36 0.94 22.43
C LEU A 186 2.99 -0.44 22.16
N SER A 187 3.80 -0.54 21.12
CA SER A 187 4.51 -1.81 20.83
C SER A 187 5.47 -2.18 21.94
N LYS A 188 6.20 -1.18 22.45
CA LYS A 188 7.13 -1.39 23.55
C LYS A 188 6.42 -1.87 24.81
N MET A 189 5.30 -1.22 25.14
CA MET A 189 4.53 -1.58 26.31
C MET A 189 4.06 -3.02 26.18
N THR A 190 3.53 -3.33 25.00
CA THR A 190 2.97 -4.63 24.74
C THR A 190 4.06 -5.71 24.78
N LYS A 191 5.13 -5.49 24.03
CA LYS A 191 6.17 -6.53 23.89
C LYS A 191 7.03 -6.66 25.12
N GLU A 192 7.44 -5.54 25.72
CA GLU A 192 8.35 -5.58 26.86
C GLU A 192 7.66 -5.44 28.23
N GLN A 193 6.33 -5.29 28.23
CA GLN A 193 5.55 -5.26 29.47
C GLN A 193 6.02 -4.16 30.40
N THR A 194 6.08 -2.95 29.84
CA THR A 194 6.44 -1.78 30.60
C THR A 194 5.25 -0.86 30.73
N THR A 195 5.30 0.05 31.69
CA THR A 195 4.30 1.11 31.80
C THR A 195 4.43 2.09 30.68
N PHE A 196 3.41 2.91 30.46
CA PHE A 196 3.48 3.99 29.47
C PHE A 196 4.67 4.92 29.73
N GLU A 197 4.84 5.31 30.99
CA GLU A 197 5.93 6.21 31.41
C GLU A 197 7.32 5.65 31.06
N GLU A 198 7.57 4.39 31.38
CA GLU A 198 8.81 3.72 31.02
C GLU A 198 8.99 3.65 29.51
N ALA A 199 7.91 3.32 28.80
CA ALA A 199 8.02 3.15 27.35
C ALA A 199 8.31 4.48 26.68
N LEU A 200 7.69 5.56 27.19
CA LEU A 200 7.95 6.89 26.65
C LEU A 200 9.38 7.31 26.91
N ASP A 201 9.85 7.12 28.13
CA ASP A 201 11.25 7.42 28.42
C ASP A 201 12.17 6.64 27.48
N GLU A 202 11.88 5.36 27.24
CA GLU A 202 12.73 4.55 26.37
C GLU A 202 12.68 5.09 24.93
N ALA A 203 11.49 5.49 24.47
CA ALA A 203 11.38 6.05 23.15
C ALA A 203 12.19 7.35 23.03
N LYS A 204 12.20 8.17 24.09
CA LYS A 204 13.08 9.35 24.11
C LYS A 204 14.53 8.95 23.96
N ARG A 205 14.98 8.00 24.77
CA ARG A 205 16.39 7.60 24.73
C ARG A 205 16.80 7.09 23.34
N LEU A 206 15.86 6.41 22.67
CA LEU A 206 16.19 5.80 21.39
C LEU A 206 16.00 6.70 20.18
N GLY A 207 15.53 7.94 20.39
CA GLY A 207 15.36 8.89 19.29
C GLY A 207 14.03 8.83 18.54
N PHE A 208 13.12 7.95 18.94
CA PHE A 208 11.76 7.95 18.36
C PHE A 208 10.90 9.11 18.88
N ALA A 209 10.95 9.38 20.18
CA ALA A 209 10.19 10.48 20.76
C ALA A 209 11.07 11.67 21.03
N GLU A 210 10.51 12.88 20.90
CA GLU A 210 11.19 14.12 21.27
C GLU A 210 10.92 14.47 22.72
N ALA A 211 11.68 15.43 23.23
CA ALA A 211 11.71 15.81 24.66
C ALA A 211 10.38 16.30 25.14
N ASP A 212 9.73 17.10 24.33
CA ASP A 212 8.32 17.38 24.48
C ASP A 212 7.61 16.53 23.42
N PRO A 213 7.01 15.41 23.84
CA PRO A 213 6.43 14.49 22.88
C PRO A 213 4.91 14.73 22.69
N THR A 214 4.34 15.78 23.30
CA THR A 214 2.88 16.06 23.33
C THR A 214 2.17 15.89 22.00
N ASP A 215 2.73 16.48 20.97
CA ASP A 215 2.14 16.41 19.64
C ASP A 215 1.92 14.94 19.19
N ASP A 216 2.81 14.05 19.59
CA ASP A 216 2.75 12.64 19.29
C ASP A 216 1.81 11.90 20.23
N VAL A 217 2.12 11.94 21.51
CA VAL A 217 1.39 11.11 22.46
C VAL A 217 -0.03 11.58 22.73
N GLU A 218 -0.34 12.85 22.49
CA GLU A 218 -1.72 13.33 22.66
C GLU A 218 -2.55 13.19 21.38
N GLY A 219 -1.91 12.68 20.32
CA GLY A 219 -2.62 12.34 19.11
C GLY A 219 -2.87 13.48 18.15
N VAL A 220 -2.23 14.61 18.40
CA VAL A 220 -2.44 15.82 17.60
C VAL A 220 -1.94 15.61 16.17
N ASP A 221 -0.72 15.10 16.03
CA ASP A 221 -0.13 14.78 14.73
C ASP A 221 -1.03 13.84 13.92
N ALA A 222 -1.47 12.78 14.57
CA ALA A 222 -2.38 11.86 13.94
C ALA A 222 -3.67 12.56 13.49
N ALA A 223 -4.20 13.45 14.34
CA ALA A 223 -5.43 14.18 13.99
C ALA A 223 -5.25 15.04 12.74
N ARG A 224 -4.10 15.70 12.63
CA ARG A 224 -3.79 16.46 11.42
C ARG A 224 -3.77 15.56 10.22
N LYS A 225 -3.18 14.38 10.35
CA LYS A 225 -3.12 13.45 9.21
C LYS A 225 -4.50 12.88 8.88
N VAL A 226 -5.37 12.78 9.86
CA VAL A 226 -6.76 12.39 9.59
C VAL A 226 -7.49 13.49 8.79
N VAL A 227 -7.27 14.75 9.14
CA VAL A 227 -7.84 15.85 8.35
C VAL A 227 -7.38 15.73 6.91
N ILE A 228 -6.08 15.56 6.73
CA ILE A 228 -5.49 15.46 5.39
C ILE A 228 -6.00 14.21 4.66
N THR A 229 -5.96 13.07 5.32
CA THR A 229 -6.42 11.84 4.71
C THR A 229 -7.90 11.95 4.33
N SER A 230 -8.71 12.62 5.16
CA SER A 230 -10.13 12.80 4.87
C SER A 230 -10.32 13.66 3.62
N TYR A 231 -9.50 14.70 3.51
CA TYR A 231 -9.57 15.56 2.33
C TYR A 231 -9.23 14.80 1.04
N LEU A 232 -8.15 14.03 1.09
CA LEU A 232 -7.74 13.25 -0.06
C LEU A 232 -8.66 12.06 -0.35
N SER A 233 -9.21 11.41 0.68
CA SER A 233 -10.07 10.24 0.47
C SER A 233 -11.49 10.60 0.07
N PHE A 234 -12.04 11.64 0.68
CA PHE A 234 -13.43 11.95 0.53
C PHE A 234 -13.67 13.26 -0.22
N ASN A 235 -12.61 14.02 -0.53
CA ASN A 235 -12.75 15.35 -1.13
C ASN A 235 -13.64 16.25 -0.28
N GLN A 236 -13.53 16.12 1.02
CA GLN A 236 -14.27 16.94 1.96
C GLN A 236 -13.31 17.60 2.89
N VAL A 237 -13.58 18.85 3.21
CA VAL A 237 -12.79 19.62 4.14
C VAL A 237 -13.38 19.54 5.55
N ILE A 238 -12.59 19.06 6.51
CA ILE A 238 -12.95 19.18 7.93
C ILE A 238 -11.87 19.98 8.63
N LYS A 239 -12.17 20.49 9.83
CA LYS A 239 -11.22 21.23 10.62
C LYS A 239 -10.57 20.31 11.63
N LEU A 240 -9.35 20.67 12.07
CA LEU A 240 -8.69 19.90 13.08
C LEU A 240 -9.59 19.66 14.28
N ASN A 241 -10.29 20.71 14.70
CA ASN A 241 -11.15 20.65 15.86
CA ASN A 241 -11.15 20.64 15.88
C ASN A 241 -12.39 19.76 15.69
N ASP A 242 -12.73 19.37 14.46
CA ASP A 242 -13.79 18.38 14.24
C ASP A 242 -13.31 16.95 14.51
N VAL A 243 -12.00 16.72 14.63
CA VAL A 243 -11.49 15.38 14.92
C VAL A 243 -11.57 15.10 16.41
N LYS A 244 -12.43 14.15 16.78
CA LYS A 244 -12.50 13.71 18.18
C LYS A 244 -11.20 13.04 18.53
N ARG A 245 -10.49 13.55 19.52
CA ARG A 245 -9.12 13.15 19.76
C ARG A 245 -8.87 12.75 21.21
N ARG A 246 -8.22 11.60 21.38
CA ARG A 246 -7.69 11.17 22.65
C ARG A 246 -6.32 10.51 22.35
N GLY A 247 -5.32 10.83 23.15
CA GLY A 247 -3.96 10.29 23.01
C GLY A 247 -3.77 8.97 23.71
N ILE A 248 -2.49 8.56 23.83
CA ILE A 248 -2.14 7.27 24.42
C ILE A 248 -1.65 7.33 25.85
N SER A 249 -1.57 8.52 26.44
CA SER A 249 -0.95 8.67 27.75
C SER A 249 -1.76 8.02 28.87
N GLY A 250 -3.04 7.81 28.65
CA GLY A 250 -3.88 7.05 29.61
C GLY A 250 -3.95 5.53 29.38
N VAL A 251 -3.30 5.01 28.33
CA VAL A 251 -3.31 3.55 28.09
C VAL A 251 -2.38 2.89 29.07
N THR A 252 -2.83 1.86 29.75
CA THR A 252 -2.00 1.15 30.70
C THR A 252 -1.68 -0.27 30.23
N LEU A 253 -0.71 -0.86 30.91
CA LEU A 253 -0.33 -2.23 30.67
C LEU A 253 -1.50 -3.18 30.92
N THR A 254 -2.27 -2.88 31.95
CA THR A 254 -3.48 -3.62 32.19
C THR A 254 -4.45 -3.60 30.99
N ASP A 255 -4.62 -2.44 30.36
CA ASP A 255 -5.48 -2.35 29.16
C ASP A 255 -4.93 -3.29 28.10
N ILE A 256 -3.63 -3.22 27.91
CA ILE A 256 -2.96 -4.02 26.90
C ILE A 256 -3.14 -5.52 27.15
N ASN A 257 -2.89 -5.96 28.39
CA ASN A 257 -2.99 -7.39 28.72
C ASN A 257 -4.41 -7.93 28.76
N VAL A 258 -5.35 -7.11 29.21
CA VAL A 258 -6.72 -7.55 29.13
C VAL A 258 -7.20 -7.61 27.67
N ALA A 259 -6.83 -6.61 26.88
CA ALA A 259 -7.18 -6.65 25.44
C ALA A 259 -6.58 -7.91 24.84
N ASP A 260 -5.34 -8.19 25.23
CA ASP A 260 -4.63 -9.33 24.71
C ASP A 260 -5.39 -10.63 24.97
N GLN A 261 -5.78 -10.83 26.23
CA GLN A 261 -6.53 -12.01 26.66
C GLN A 261 -7.86 -12.11 25.86
N LEU A 262 -8.46 -10.97 25.52
CA LEU A 262 -9.69 -10.95 24.71
C LEU A 262 -9.48 -11.14 23.22
N GLY A 263 -8.23 -11.14 22.75
CA GLY A 263 -7.93 -11.32 21.34
C GLY A 263 -7.61 -10.08 20.54
N TYR A 264 -7.16 -9.02 21.20
CA TYR A 264 -6.97 -7.71 20.59
C TYR A 264 -5.62 -7.10 20.99
N LYS A 265 -5.08 -6.29 20.08
CA LYS A 265 -4.01 -5.37 20.38
C LYS A 265 -4.61 -4.00 20.58
N ILE A 266 -3.85 -3.09 21.16
CA ILE A 266 -4.24 -1.70 21.26
C ILE A 266 -3.38 -0.86 20.34
N LYS A 267 -4.02 -0.04 19.51
CA LYS A 267 -3.34 0.87 18.61
C LYS A 267 -3.97 2.23 18.71
N LEU A 268 -3.19 3.27 18.43
CA LEU A 268 -3.76 4.60 18.29
C LEU A 268 -4.20 4.68 16.83
N ILE A 269 -5.50 4.75 16.62
CA ILE A 269 -6.05 4.71 15.29
C ILE A 269 -6.65 6.05 14.91
N GLY A 270 -6.30 6.53 13.72
CA GLY A 270 -6.95 7.70 13.14
C GLY A 270 -7.92 7.20 12.11
N LYS A 271 -9.14 7.68 12.19
CA LYS A 271 -10.25 7.08 11.47
C LYS A 271 -11.12 8.14 10.83
N GLY A 272 -11.55 7.87 9.62
CA GLY A 272 -12.51 8.71 8.90
C GLY A 272 -13.58 7.82 8.29
N ILE A 273 -14.83 8.10 8.62
CA ILE A 273 -15.99 7.40 8.08
C ILE A 273 -16.87 8.43 7.38
N TYR A 274 -17.16 8.18 6.11
CA TYR A 274 -17.93 9.11 5.29
C TYR A 274 -19.25 8.47 5.02
N GLU A 275 -20.28 8.90 5.74
CA GLU A 275 -21.63 8.35 5.65
C GLU A 275 -22.64 9.49 5.51
N ASN A 276 -23.51 9.38 4.51
CA ASN A 276 -24.60 10.35 4.27
C ASN A 276 -24.10 11.79 4.13
N GLY A 277 -23.13 11.97 3.25
CA GLY A 277 -22.51 13.27 3.04
C GLY A 277 -21.70 13.86 4.21
N LYS A 278 -21.56 13.12 5.32
CA LYS A 278 -20.85 13.63 6.51
C LYS A 278 -19.63 12.79 6.89
N VAL A 279 -18.51 13.46 7.14
CA VAL A 279 -17.31 12.82 7.66
C VAL A 279 -17.33 12.79 9.18
N ASN A 280 -17.18 11.63 9.78
CA ASN A 280 -16.94 11.52 11.21
C ASN A 280 -15.49 11.10 11.41
N ALA A 281 -14.70 11.94 12.03
CA ALA A 281 -13.26 11.73 12.12
C ALA A 281 -12.84 11.67 13.56
N SER A 282 -11.89 10.78 13.87
CA SER A 282 -11.40 10.59 15.23
C SER A 282 -9.99 10.02 15.27
N VAL A 283 -9.36 10.18 16.42
CA VAL A 283 -8.10 9.62 16.73
C VAL A 283 -8.21 9.17 18.17
N GLU A 284 -7.97 7.89 18.43
CA GLU A 284 -7.99 7.41 19.80
C GLU A 284 -7.48 6.00 19.96
N PRO A 285 -7.13 5.63 21.20
CA PRO A 285 -6.79 4.23 21.49
C PRO A 285 -7.94 3.32 21.16
N THR A 286 -7.65 2.26 20.43
CA THR A 286 -8.65 1.41 19.78
C THR A 286 -8.17 -0.01 19.89
N LEU A 287 -9.05 -0.92 20.25
CA LEU A 287 -8.70 -2.33 20.27
C LEU A 287 -8.86 -2.84 18.85
N ILE A 288 -7.87 -3.59 18.39
CA ILE A 288 -7.86 -4.14 17.04
C ILE A 288 -7.72 -5.63 17.13
N ASP A 289 -8.64 -6.34 16.49
CA ASP A 289 -8.58 -7.79 16.49
C ASP A 289 -7.19 -8.23 16.02
N LYS A 290 -6.61 -9.21 16.70
CA LYS A 290 -5.25 -9.66 16.34
C LYS A 290 -5.09 -10.18 14.92
N LYS A 291 -6.16 -10.62 14.27
CA LYS A 291 -6.08 -11.13 12.92
C LYS A 291 -6.17 -10.02 11.86
N HIS A 292 -6.55 -8.82 12.26
CA HIS A 292 -6.64 -7.73 11.32
C HIS A 292 -5.24 -7.30 10.85
N GLN A 293 -5.12 -6.95 9.58
CA GLN A 293 -3.85 -6.52 9.03
C GLN A 293 -3.20 -5.37 9.84
N LEU A 294 -4.00 -4.46 10.40
CA LEU A 294 -3.45 -3.37 11.20
C LEU A 294 -2.84 -3.81 12.51
N ALA A 295 -3.30 -4.94 13.03
CA ALA A 295 -2.85 -5.42 14.32
C ALA A 295 -1.36 -5.69 14.28
N ALA A 296 -0.84 -6.06 13.10
CA ALA A 296 0.56 -6.48 12.98
C ALA A 296 1.53 -5.31 12.75
N VAL A 297 1.01 -4.10 12.60
CA VAL A 297 1.83 -2.94 12.30
C VAL A 297 2.46 -2.41 13.60
N GLU A 298 3.76 -2.64 13.73
CA GLU A 298 4.48 -2.46 15.00
C GLU A 298 5.53 -1.36 14.88
N ASP A 299 5.95 -0.90 16.05
CA ASP A 299 7.07 0.03 16.21
C ASP A 299 6.74 1.33 15.51
N GLU A 300 7.68 1.88 14.78
CA GLU A 300 7.49 3.18 14.18
C GLU A 300 6.82 3.10 12.82
N TYR A 301 6.44 1.91 12.37
CA TYR A 301 5.73 1.78 11.09
C TYR A 301 4.33 2.35 11.18
N ASN A 302 3.87 2.87 10.04
CA ASN A 302 2.54 3.43 9.87
C ASN A 302 1.82 2.58 8.81
N ALA A 303 0.51 2.80 8.71
CA ALA A 303 -0.31 2.10 7.75
C ALA A 303 -1.66 2.78 7.62
N ILE A 304 -2.20 2.73 6.42
CA ILE A 304 -3.54 3.24 6.14
C ILE A 304 -4.30 2.09 5.53
N TYR A 305 -5.39 1.73 6.18
CA TYR A 305 -6.29 0.69 5.75
C TYR A 305 -7.55 1.35 5.18
N VAL A 306 -7.89 0.98 3.96
CA VAL A 306 -8.89 1.68 3.20
C VAL A 306 -9.97 0.71 2.80
N ILE A 307 -11.20 1.13 3.06
CA ILE A 307 -12.40 0.33 2.82
C ILE A 307 -13.26 1.09 1.81
N GLY A 308 -13.84 0.36 0.87
CA GLY A 308 -14.71 0.97 -0.14
C GLY A 308 -15.79 0.05 -0.68
N ASP A 309 -16.72 0.68 -1.40
CA ASP A 309 -17.68 -0.04 -2.23
C ASP A 309 -17.10 -0.08 -3.65
N ALA A 310 -17.21 -1.23 -4.33
CA ALA A 310 -17.57 -2.51 -3.71
C ALA A 310 -16.28 -3.26 -3.36
N VAL A 311 -15.17 -2.75 -3.89
CA VAL A 311 -13.88 -3.43 -3.90
C VAL A 311 -13.49 -4.09 -2.57
N GLY A 312 -12.45 -4.93 -2.63
CA GLY A 312 -11.83 -5.42 -1.40
C GLY A 312 -11.14 -4.31 -0.62
N ASP A 313 -10.80 -4.58 0.63
CA ASP A 313 -10.00 -3.64 1.42
C ASP A 313 -8.58 -3.57 0.89
N THR A 314 -7.94 -2.45 1.12
CA THR A 314 -6.53 -2.31 0.79
C THR A 314 -5.79 -1.68 1.96
N MET A 315 -4.48 -1.84 1.98
CA MET A 315 -3.65 -1.21 3.00
C MET A 315 -2.28 -0.89 2.43
N PHE A 316 -1.77 0.23 2.88
CA PHE A 316 -0.43 0.69 2.56
C PHE A 316 0.32 0.80 3.88
N TYR A 317 1.55 0.30 3.88
CA TYR A 317 2.35 0.15 5.08
C TYR A 317 3.72 0.69 4.79
N GLY A 318 4.27 1.43 5.74
CA GLY A 318 5.61 1.98 5.61
C GLY A 318 5.88 2.98 6.69
N LYS A 319 7.14 3.38 6.83
CA LYS A 319 7.46 4.40 7.80
C LYS A 319 7.19 5.77 7.25
N GLY A 320 7.29 6.76 8.16
CA GLY A 320 7.11 8.15 7.79
C GLY A 320 8.32 8.70 7.09
N ALA A 321 8.09 9.70 6.25
CA ALA A 321 9.15 10.35 5.49
C ALA A 321 10.14 11.11 6.40
N GLY A 322 11.43 11.00 6.07
CA GLY A 322 12.48 11.87 6.59
C GLY A 322 12.77 13.04 5.65
N SER A 323 13.72 13.90 6.04
CA SER A 323 14.08 15.07 5.23
C SER A 323 14.49 14.72 3.81
N LEU A 324 15.30 13.68 3.67
CA LEU A 324 15.81 13.27 2.36
C LEU A 324 14.68 12.87 1.43
N ALA A 325 13.72 12.11 1.97
CA ALA A 325 12.57 11.67 1.19
C ALA A 325 11.64 12.83 0.86
N THR A 326 11.43 13.72 1.83
CA THR A 326 10.63 14.92 1.61
C THR A 326 11.27 15.80 0.52
N GLY A 327 12.56 16.11 0.69
CA GLY A 327 13.31 16.85 -0.33
C GLY A 327 13.22 16.15 -1.68
N SER A 328 13.34 14.84 -1.65
CA SER A 328 13.27 14.05 -2.88
C SER A 328 11.89 14.19 -3.53
N ALA A 329 10.84 14.18 -2.72
CA ALA A 329 9.50 14.37 -3.26
C ALA A 329 9.33 15.78 -3.86
N VAL A 330 9.87 16.79 -3.18
CA VAL A 330 9.83 18.15 -3.71
C VAL A 330 10.46 18.25 -5.09
N VAL A 331 11.61 17.64 -5.27
CA VAL A 331 12.29 17.74 -6.56
C VAL A 331 11.56 16.96 -7.64
N SER A 332 10.97 15.82 -7.28
CA SER A 332 10.10 15.10 -8.20
C SER A 332 8.96 15.98 -8.67
N ASP A 333 8.21 16.55 -7.73
CA ASP A 333 7.15 17.51 -8.08
C ASP A 333 7.68 18.64 -8.96
N LEU A 334 8.86 19.16 -8.61
CA LEU A 334 9.48 20.24 -9.35
C LEU A 334 9.72 19.84 -10.81
N LEU A 335 10.31 18.67 -11.02
CA LEU A 335 10.51 18.15 -12.37
C LEU A 335 9.21 17.91 -13.12
N ASN A 336 8.20 17.40 -12.41
CA ASN A 336 6.89 17.20 -13.04
C ASN A 336 6.35 18.49 -13.63
N VAL A 337 6.39 19.54 -12.83
CA VAL A 337 5.88 20.84 -13.26
C VAL A 337 6.72 21.39 -14.41
N ALA A 338 8.02 21.14 -14.35
CA ALA A 338 8.92 21.54 -15.44
C ALA A 338 8.54 20.84 -16.74
N LEU A 339 8.30 19.53 -16.65
CA LEU A 339 7.80 18.75 -17.78
C LEU A 339 6.50 19.34 -18.37
N PHE A 340 5.54 19.68 -17.51
CA PHE A 340 4.25 20.22 -17.97
C PHE A 340 4.17 21.77 -18.02
N PHE A 341 5.22 22.41 -18.54
CA PHE A 341 5.33 23.89 -18.62
C PHE A 341 4.42 24.48 -19.70
N GLU A 342 4.78 24.31 -20.97
CA GLU A 342 3.98 24.85 -22.08
C GLU A 342 3.25 23.72 -22.81
N LEU A 348 -8.82 21.05 -10.57
CA LEU A 348 -9.38 19.81 -11.11
C LEU A 348 -10.05 18.96 -10.02
N PRO A 349 -11.37 18.70 -10.15
CA PRO A 349 -11.99 17.58 -9.44
C PRO A 349 -11.90 16.31 -10.30
N PRO A 350 -11.28 15.22 -9.78
CA PRO A 350 -11.25 14.02 -10.61
C PRO A 350 -12.67 13.62 -10.93
N HIS A 351 -13.48 13.47 -9.88
CA HIS A 351 -14.88 13.09 -9.99
C HIS A 351 -15.10 12.18 -11.21
N PHE A 352 -14.29 11.12 -11.30
CA PHE A 352 -14.49 10.09 -12.29
C PHE A 352 -15.60 9.18 -11.75
N GLU A 353 -16.80 9.32 -12.31
CA GLU A 353 -18.01 8.76 -11.72
C GLU A 353 -18.26 7.27 -11.95
N LEU A 354 -18.86 6.64 -10.94
CA LEU A 354 -19.52 5.35 -11.03
C LEU A 354 -20.84 5.54 -10.25
N LYS A 355 -21.95 4.89 -10.60
CA LYS A 355 -22.00 3.60 -11.27
C LYS A 355 -22.85 3.58 -12.54
N THR A 356 -22.59 2.73 -13.57
CA THR A 356 -21.48 1.74 -13.73
C THR A 356 -21.45 0.55 -12.76
N ASP A 357 -21.15 0.76 -11.48
CA ASP A 357 -21.41 -0.24 -10.42
C ASP A 357 -22.86 -0.78 -10.46
N LYS A 358 -23.79 -0.05 -11.08
CA LYS A 358 -25.17 -0.52 -11.27
C LYS A 358 -25.17 -1.71 -12.21
N THR A 359 -24.64 -1.52 -13.41
CA THR A 359 -24.38 -2.63 -14.33
C THR A 359 -23.25 -3.49 -13.75
N ARG A 360 -23.53 -4.77 -13.53
CA ARG A 360 -22.53 -5.68 -12.94
C ARG A 360 -22.64 -5.77 -11.42
N GLU A 361 -23.85 -6.05 -10.91
CA GLU A 361 -24.04 -6.30 -9.47
C GLU A 361 -25.33 -7.07 -9.22
N GLU A 373 -23.97 -0.18 9.70
CA GLU A 373 -22.62 0.10 10.17
C GLU A 373 -22.62 0.26 11.70
N LYS A 374 -22.59 -0.87 12.39
CA LYS A 374 -22.62 -0.91 13.86
C LYS A 374 -21.27 -0.53 14.45
N SER A 375 -21.25 -0.34 15.77
CA SER A 375 -20.07 0.01 16.51
C SER A 375 -19.79 -0.99 17.62
N ASN A 376 -18.52 -1.14 17.96
CA ASN A 376 -18.07 -2.08 18.98
C ASN A 376 -17.26 -1.33 20.03
N PHE A 377 -17.36 -1.77 21.29
CA PHE A 377 -16.79 -1.02 22.41
C PHE A 377 -16.11 -1.90 23.45
N PHE A 378 -15.03 -1.36 24.01
CA PHE A 378 -14.30 -1.94 25.13
C PHE A 378 -14.59 -1.04 26.31
N VAL A 379 -15.26 -1.58 27.33
CA VAL A 379 -15.68 -0.79 28.48
C VAL A 379 -15.04 -1.31 29.76
N VAL A 380 -14.40 -0.42 30.51
CA VAL A 380 -13.73 -0.77 31.76
C VAL A 380 -14.53 -0.15 32.90
N VAL A 381 -14.96 -0.98 33.84
CA VAL A 381 -15.75 -0.55 34.97
C VAL A 381 -14.96 -0.86 36.24
N ASN A 382 -14.97 0.10 37.17
CA ASN A 382 -14.29 -0.01 38.49
C ASN A 382 -15.27 -0.11 39.65
N HIS A 383 -14.74 -0.42 40.82
CA HIS A 383 -15.48 -0.47 42.07
C HIS A 383 -16.71 -1.36 41.93
N VAL A 384 -16.57 -2.46 41.19
CA VAL A 384 -17.69 -3.34 40.99
C VAL A 384 -17.70 -4.39 42.08
N LYS A 385 -18.78 -4.42 42.85
CA LYS A 385 -19.03 -5.46 43.83
C LYS A 385 -19.74 -6.61 43.11
N GLY A 386 -19.49 -7.83 43.57
CA GLY A 386 -20.10 -8.99 42.96
C GLY A 386 -19.19 -9.57 41.90
N SER A 387 -19.60 -10.71 41.40
CA SER A 387 -18.77 -11.53 40.56
C SER A 387 -18.81 -11.09 39.09
N ILE A 388 -17.89 -11.64 38.32
CA ILE A 388 -17.82 -11.40 36.89
C ILE A 388 -19.05 -11.95 36.18
N GLU A 389 -19.59 -13.06 36.67
CA GLU A 389 -20.79 -13.66 36.11
C GLU A 389 -21.97 -12.71 36.28
N ASN A 390 -22.09 -12.13 37.47
CA ASN A 390 -23.14 -11.17 37.75
C ASN A 390 -23.02 -9.88 36.92
N PHE A 391 -21.81 -9.38 36.74
CA PHE A 391 -21.60 -8.24 35.88
C PHE A 391 -22.03 -8.57 34.44
N GLU A 392 -21.67 -9.76 33.97
CA GLU A 392 -22.04 -10.19 32.64
C GLU A 392 -23.57 -10.27 32.46
N ASN A 393 -24.23 -10.94 33.40
CA ASN A 393 -25.68 -11.03 33.43
C ASN A 393 -26.35 -9.69 33.50
N GLU A 394 -25.87 -8.79 34.34
CA GLU A 394 -26.42 -7.45 34.36
C GLU A 394 -26.28 -6.79 32.98
N LEU A 395 -25.09 -6.88 32.38
CA LEU A 395 -24.88 -6.28 31.07
C LEU A 395 -25.84 -6.85 30.03
N LYS A 396 -26.04 -8.16 30.05
CA LYS A 396 -26.98 -8.81 29.14
C LYS A 396 -28.41 -8.28 29.29
N ALA A 397 -28.81 -7.98 30.52
CA ALA A 397 -30.12 -7.40 30.78
C ALA A 397 -30.24 -5.94 30.38
N ILE A 398 -29.20 -5.14 30.56
CA ILE A 398 -29.38 -3.71 30.33
C ILE A 398 -29.07 -3.24 28.89
N LEU A 399 -28.17 -3.94 28.21
CA LEU A 399 -27.74 -3.53 26.88
C LEU A 399 -28.87 -3.68 25.89
N PRO A 400 -28.95 -2.75 24.90
CA PRO A 400 -29.85 -2.99 23.78
C PRO A 400 -29.25 -4.08 22.94
N PHE A 401 -29.93 -4.44 21.85
CA PHE A 401 -29.55 -5.64 21.11
C PHE A 401 -28.18 -5.42 20.54
N HIS A 402 -27.42 -6.50 20.55
CA HIS A 402 -26.06 -6.50 20.07
C HIS A 402 -25.65 -7.90 19.55
N ARG A 403 -24.48 -8.01 18.95
CA ARG A 403 -24.04 -9.28 18.36
C ARG A 403 -23.33 -10.17 19.35
N SER A 404 -22.41 -9.62 20.14
CA SER A 404 -21.76 -10.46 21.16
C SER A 404 -21.24 -9.65 22.29
N LEU A 405 -20.99 -10.36 23.39
CA LEU A 405 -20.53 -9.80 24.64
C LEU A 405 -19.53 -10.76 25.28
N ARG A 406 -18.37 -10.24 25.65
CA ARG A 406 -17.37 -11.02 26.40
C ARG A 406 -16.88 -10.13 27.53
N VAL A 407 -16.67 -10.70 28.70
CA VAL A 407 -16.22 -9.96 29.85
C VAL A 407 -14.91 -10.56 30.32
N ALA A 408 -14.11 -9.78 31.03
CA ALA A 408 -12.82 -10.23 31.51
C ALA A 408 -12.48 -9.51 32.80
N ASN A 409 -11.71 -10.18 33.67
CA ASN A 409 -11.16 -9.53 34.84
C ASN A 409 -10.17 -8.48 34.40
N TYR A 410 -10.20 -7.33 35.03
CA TYR A 410 -9.31 -6.24 34.69
C TYR A 410 -8.32 -5.98 35.85
N ASP A 411 -8.86 -5.78 37.05
CA ASP A 411 -8.10 -5.49 38.26
C ASP A 411 -9.02 -5.86 39.43
N ASN A 412 -8.60 -5.61 40.66
CA ASN A 412 -9.45 -5.83 41.83
C ASN A 412 -10.77 -5.05 41.76
N GLN A 413 -11.90 -5.75 41.81
CA GLN A 413 -13.22 -5.13 41.60
C GLN A 413 -13.34 -4.29 40.31
N SER A 414 -12.56 -4.65 39.28
CA SER A 414 -12.70 -4.05 37.95
C SER A 414 -12.86 -5.13 36.93
N TYR A 415 -13.77 -4.90 36.00
CA TYR A 415 -14.04 -5.80 34.91
C TYR A 415 -14.01 -5.01 33.61
N ALA A 416 -13.77 -5.71 32.52
CA ALA A 416 -13.87 -5.12 31.20
C ALA A 416 -14.84 -5.91 30.36
N ALA A 417 -15.46 -5.24 29.40
CA ALA A 417 -16.40 -5.91 28.47
C ALA A 417 -16.11 -5.42 27.08
N VAL A 418 -16.14 -6.36 26.14
CA VAL A 418 -16.12 -6.03 24.74
C VAL A 418 -17.48 -6.38 24.22
N ILE A 419 -18.13 -5.39 23.64
CA ILE A 419 -19.47 -5.56 23.12
C ILE A 419 -19.42 -5.25 21.63
N VAL A 420 -19.89 -6.21 20.84
CA VAL A 420 -19.88 -6.06 19.38
C VAL A 420 -21.29 -5.84 18.90
N GLY A 421 -21.46 -4.83 18.05
CA GLY A 421 -22.70 -4.62 17.32
C GLY A 421 -23.77 -3.78 17.98
N LEU A 422 -23.39 -2.69 18.61
CA LEU A 422 -24.29 -1.72 19.19
C LEU A 422 -24.44 -0.60 18.20
N GLU A 423 -25.56 0.12 18.29
CA GLU A 423 -25.77 1.31 17.48
C GLU A 423 -24.98 2.48 18.02
N SER A 424 -24.73 2.52 19.33
CA SER A 424 -23.98 3.64 19.91
C SER A 424 -23.36 3.28 21.26
N SER A 425 -22.51 4.16 21.77
CA SER A 425 -21.83 3.88 23.04
C SER A 425 -22.81 3.52 24.16
N PRO A 426 -22.53 2.44 24.89
CA PRO A 426 -23.30 2.10 26.07
C PRO A 426 -22.79 2.79 27.37
N GLU A 427 -21.86 3.71 27.25
CA GLU A 427 -21.27 4.35 28.41
C GLU A 427 -22.30 5.02 29.34
N GLU A 428 -23.16 5.90 28.81
CA GLU A 428 -24.16 6.56 29.66
C GLU A 428 -25.07 5.54 30.31
N LEU A 429 -25.50 4.57 29.52
CA LEU A 429 -26.40 3.56 29.99
C LEU A 429 -25.79 2.76 31.17
N ILE A 430 -24.55 2.37 31.02
CA ILE A 430 -23.86 1.65 32.08
C ILE A 430 -23.68 2.54 33.33
N THR A 431 -23.39 3.82 33.10
CA THR A 431 -23.26 4.81 34.18
C THR A 431 -24.55 5.01 34.96
N LYS A 432 -25.68 5.12 34.26
CA LYS A 432 -26.94 5.27 34.96
C LYS A 432 -27.43 4.00 35.67
N HIS A 433 -26.88 2.84 35.32
CA HIS A 433 -27.10 1.62 36.12
C HIS A 433 -26.09 1.43 37.27
N GLY A 434 -25.37 2.50 37.60
CA GLY A 434 -24.62 2.56 38.83
C GLY A 434 -23.19 2.05 38.73
N TYR A 435 -22.68 1.86 37.52
CA TYR A 435 -21.31 1.46 37.37
C TYR A 435 -20.41 2.66 37.19
N GLU A 436 -19.23 2.58 37.79
CA GLU A 436 -18.20 3.57 37.54
C GLU A 436 -17.47 3.13 36.29
N VAL A 437 -17.61 3.91 35.24
CA VAL A 437 -16.95 3.62 33.99
C VAL A 437 -15.61 4.33 33.95
N ASP A 438 -14.52 3.58 33.94
CA ASP A 438 -13.20 4.16 33.90
C ASP A 438 -12.94 4.75 32.52
N LYS A 439 -13.18 3.95 31.48
CA LYS A 439 -13.08 4.43 30.12
C LYS A 439 -13.67 3.45 29.12
N VAL A 440 -13.86 3.96 27.91
CA VAL A 440 -14.38 3.20 26.79
C VAL A 440 -13.45 3.45 25.63
N TYR A 441 -12.99 2.37 25.00
CA TYR A 441 -12.23 2.44 23.76
C TYR A 441 -13.06 1.76 22.65
N PRO A 442 -13.06 2.34 21.44
CA PRO A 442 -13.69 1.59 20.34
C PRO A 442 -12.95 0.30 20.02
N VAL A 443 -13.66 -0.62 19.40
CA VAL A 443 -13.12 -1.91 19.02
C VAL A 443 -13.34 -2.10 17.52
N GLU A 444 -12.26 -2.43 16.80
CA GLU A 444 -12.28 -2.58 15.35
C GLU A 444 -11.73 -3.94 14.92
N GLY A 445 -11.97 -4.25 13.66
CA GLY A 445 -11.57 -5.53 13.04
C GLY A 445 -12.49 -6.69 13.35
N VAL A 446 -13.60 -6.39 14.02
CA VAL A 446 -14.60 -7.41 14.37
C VAL A 446 -15.44 -7.83 13.15
N MET B 21 -13.99 21.43 -29.80
CA MET B 21 -13.88 20.05 -29.25
C MET B 21 -12.90 19.21 -30.06
N LYS B 22 -11.85 18.73 -29.40
CA LYS B 22 -10.92 17.79 -30.02
C LYS B 22 -11.55 16.39 -29.96
N LYS B 23 -11.80 15.78 -31.12
CA LYS B 23 -12.32 14.41 -31.19
C LYS B 23 -11.18 13.40 -30.97
N LEU B 24 -11.35 12.53 -29.97
CA LEU B 24 -10.45 11.39 -29.77
C LEU B 24 -11.11 10.09 -30.22
N ASN B 25 -10.65 9.57 -31.35
CA ASN B 25 -11.18 8.34 -31.89
C ASN B 25 -10.43 7.16 -31.30
N ILE B 26 -11.16 6.29 -30.62
CA ILE B 26 -10.55 5.10 -30.06
C ILE B 26 -11.23 3.84 -30.53
N ALA B 27 -10.52 2.73 -30.41
CA ALA B 27 -11.08 1.40 -30.63
C ALA B 27 -10.78 0.51 -29.44
N LEU B 28 -11.71 -0.39 -29.13
CA LEU B 28 -11.49 -1.37 -28.09
C LEU B 28 -11.28 -2.72 -28.70
N LEU B 29 -10.25 -3.43 -28.23
CA LEU B 29 -10.07 -4.83 -28.60
C LEU B 29 -10.55 -5.70 -27.44
N GLY B 30 -11.74 -6.25 -27.60
CA GLY B 30 -12.36 -7.12 -26.60
C GLY B 30 -13.48 -6.44 -25.83
N LEU B 31 -14.44 -7.21 -25.36
CA LEU B 31 -15.59 -6.67 -24.64
C LEU B 31 -16.12 -7.64 -23.59
N GLY B 32 -15.26 -8.04 -22.68
CA GLY B 32 -15.71 -8.85 -21.56
C GLY B 32 -16.16 -7.94 -20.46
N THR B 33 -15.94 -8.34 -19.23
CA THR B 33 -16.35 -7.55 -18.10
C THR B 33 -15.53 -6.27 -18.09
N VAL B 34 -14.23 -6.37 -18.36
CA VAL B 34 -13.35 -5.19 -18.31
C VAL B 34 -13.68 -4.23 -19.45
N GLY B 35 -13.81 -4.75 -20.67
CA GLY B 35 -14.18 -3.90 -21.82
C GLY B 35 -15.52 -3.23 -21.62
N SER B 36 -16.51 -3.99 -21.16
CA SER B 36 -17.83 -3.40 -20.88
C SER B 36 -17.74 -2.29 -19.85
N GLY B 37 -16.97 -2.54 -18.79
CA GLY B 37 -16.69 -1.53 -17.78
C GLY B 37 -16.04 -0.29 -18.34
N VAL B 38 -15.07 -0.46 -19.25
CA VAL B 38 -14.42 0.72 -19.88
C VAL B 38 -15.46 1.56 -20.64
N VAL B 39 -16.34 0.89 -21.35
CA VAL B 39 -17.38 1.56 -22.12
C VAL B 39 -18.34 2.35 -21.23
N LYS B 40 -18.86 1.68 -20.20
CA LYS B 40 -19.80 2.30 -19.27
C LYS B 40 -19.16 3.52 -18.66
N ILE B 41 -17.92 3.36 -18.18
CA ILE B 41 -17.21 4.47 -17.55
C ILE B 41 -17.02 5.62 -18.50
CA ILE B 42 -16.57 6.41 -20.72
C ILE B 42 -17.90 7.14 -20.92
N GLU B 43 -18.98 6.38 -21.05
CA GLU B 43 -20.32 6.96 -21.26
C GLU B 43 -20.75 7.90 -20.14
N GLU B 44 -20.66 7.45 -18.91
CA GLU B 44 -21.14 8.25 -17.79
C GLU B 44 -20.23 9.43 -17.44
N ASN B 45 -19.00 9.45 -17.96
CA ASN B 45 -18.10 10.59 -17.74
C ASN B 45 -17.87 11.43 -19.00
N ARG B 46 -18.50 11.04 -20.11
CA ARG B 46 -18.27 11.68 -21.41
C ARG B 46 -18.55 13.17 -21.33
N GLN B 47 -19.72 13.50 -20.78
CA GLN B 47 -20.15 14.88 -20.60
C GLN B 47 -19.09 15.67 -19.81
N GLN B 48 -18.58 15.07 -18.74
CA GLN B 48 -17.56 15.68 -17.90
C GLN B 48 -16.19 15.82 -18.58
N ILE B 49 -15.80 14.82 -19.37
CA ILE B 49 -14.53 14.84 -20.10
C ILE B 49 -14.60 15.88 -21.22
N GLN B 50 -15.78 16.03 -21.78
CA GLN B 50 -16.01 17.05 -22.76
C GLN B 50 -15.93 18.44 -22.15
N ASP B 51 -16.68 18.66 -21.07
CA ASP B 51 -16.84 19.97 -20.46
C ASP B 51 -15.56 20.47 -19.79
N THR B 52 -15.00 19.61 -18.95
CA THR B 52 -13.83 19.91 -18.17
C THR B 52 -12.50 19.67 -18.86
N LEU B 53 -12.45 18.87 -19.93
CA LEU B 53 -11.23 18.79 -20.73
C LEU B 53 -11.56 19.10 -22.17
N ASN B 54 -10.59 19.12 -23.06
CA ASN B 54 -10.90 19.64 -24.40
C ASN B 54 -11.62 18.66 -25.31
N LYS B 55 -11.90 17.47 -24.80
CA LYS B 55 -11.91 16.29 -25.64
C LYS B 55 -13.23 15.53 -25.71
N ASP B 56 -13.58 15.09 -26.91
CA ASP B 56 -14.75 14.22 -27.14
C ASP B 56 -14.29 12.81 -27.55
N ILE B 57 -14.37 11.86 -26.62
CA ILE B 57 -13.95 10.48 -26.88
C ILE B 57 -15.02 9.73 -27.68
N VAL B 58 -14.65 9.27 -28.87
CA VAL B 58 -15.54 8.48 -29.72
C VAL B 58 -15.00 7.05 -29.77
N ILE B 59 -15.80 6.10 -29.25
CA ILE B 59 -15.50 4.68 -29.39
C ILE B 59 -16.00 4.25 -30.77
N LYS B 60 -15.10 4.23 -31.73
CA LYS B 60 -15.48 4.04 -33.11
C LYS B 60 -15.65 2.57 -33.49
N HIS B 61 -14.85 1.69 -32.90
CA HIS B 61 -14.95 0.24 -33.15
C HIS B 61 -14.71 -0.53 -31.87
N ILE B 62 -15.40 -1.67 -31.75
CA ILE B 62 -15.10 -2.64 -30.72
C ILE B 62 -14.91 -4.00 -31.39
N LEU B 63 -13.72 -4.57 -31.22
CA LEU B 63 -13.44 -5.92 -31.69
C LEU B 63 -13.97 -6.94 -30.70
N VAL B 64 -14.79 -7.87 -31.18
CA VAL B 64 -15.22 -9.00 -30.39
C VAL B 64 -14.94 -10.26 -31.18
N ARG B 65 -14.81 -11.39 -30.51
CA ARG B 65 -14.64 -12.68 -31.18
C ARG B 65 -15.94 -13.11 -31.84
N ASP B 66 -17.06 -12.91 -31.14
CA ASP B 66 -18.36 -13.32 -31.63
C ASP B 66 -19.41 -12.24 -31.44
N LYS B 67 -19.85 -11.67 -32.55
CA LYS B 67 -20.81 -10.57 -32.53
C LYS B 67 -22.21 -10.99 -32.03
N SER B 68 -22.49 -12.29 -32.04
CA SER B 68 -23.77 -12.86 -31.58
C SER B 68 -23.99 -12.90 -30.05
N LYS B 69 -22.91 -12.92 -29.27
CA LYS B 69 -22.99 -13.16 -27.81
C LYS B 69 -23.70 -12.05 -26.99
N LYS B 70 -24.54 -12.43 -26.01
CA LYS B 70 -25.21 -11.46 -25.09
C LYS B 70 -24.24 -10.96 -24.01
N ARG B 71 -24.41 -9.72 -23.52
CA ARG B 71 -23.37 -9.03 -22.74
C ARG B 71 -23.84 -8.14 -21.60
N PRO B 72 -22.88 -7.64 -20.79
CA PRO B 72 -23.00 -6.78 -19.62
C PRO B 72 -23.41 -5.35 -19.99
N LEU B 73 -22.67 -4.73 -20.91
CA LEU B 73 -23.20 -3.64 -21.75
C LEU B 73 -24.38 -4.31 -22.46
N ASN B 74 -25.58 -3.74 -22.33
CA ASN B 74 -26.76 -4.36 -22.93
C ASN B 74 -26.63 -4.35 -24.46
N ILE B 75 -27.73 -4.54 -25.17
CA ILE B 75 -27.74 -4.26 -26.60
C ILE B 75 -27.38 -2.77 -26.69
N SER B 76 -26.41 -2.45 -27.54
CA SER B 76 -25.86 -1.12 -27.50
C SER B 76 -25.55 -0.50 -28.88
N GLN B 77 -24.91 0.66 -28.85
CA GLN B 77 -24.89 1.61 -29.93
C GLN B 77 -23.56 1.72 -30.63
N TYR B 78 -22.60 0.89 -30.24
CA TYR B 78 -21.25 0.94 -30.81
C TYR B 78 -21.10 0.00 -31.96
N HIS B 79 -20.17 0.33 -32.84
CA HIS B 79 -19.87 -0.55 -33.95
C HIS B 79 -19.02 -1.74 -33.53
N LEU B 80 -19.62 -2.94 -33.57
CA LEU B 80 -18.89 -4.17 -33.28
C LEU B 80 -18.37 -4.79 -34.55
N THR B 81 -17.16 -5.30 -34.50
CA THR B 81 -16.56 -5.98 -35.65
C THR B 81 -15.84 -7.23 -35.17
N GLU B 82 -15.68 -8.19 -36.06
CA GLU B 82 -14.85 -9.39 -35.80
C GLU B 82 -13.56 -9.34 -36.58
N ASP B 83 -13.32 -8.26 -37.31
CA ASP B 83 -12.14 -8.14 -38.14
C ASP B 83 -11.19 -7.08 -37.61
N VAL B 84 -10.08 -7.54 -37.02
CA VAL B 84 -9.13 -6.66 -36.36
C VAL B 84 -8.47 -5.70 -37.36
N ASN B 85 -8.37 -6.12 -38.61
CA ASN B 85 -7.75 -5.28 -39.63
C ASN B 85 -8.59 -4.05 -39.94
N GLU B 86 -9.90 -4.15 -39.72
CA GLU B 86 -10.75 -2.99 -39.83
C GLU B 86 -10.33 -1.90 -38.83
N ILE B 87 -9.92 -2.31 -37.64
CA ILE B 87 -9.41 -1.37 -36.64
C ILE B 87 -7.98 -0.92 -36.96
N LEU B 88 -7.10 -1.85 -37.29
CA LEU B 88 -5.67 -1.52 -37.44
C LEU B 88 -5.42 -0.64 -38.67
N ASN B 89 -6.28 -0.77 -39.68
CA ASN B 89 -6.18 0.06 -40.88
C ASN B 89 -6.98 1.34 -40.86
N ASP B 90 -7.66 1.62 -39.75
CA ASP B 90 -8.42 2.85 -39.67
C ASP B 90 -7.49 3.96 -39.17
N ASP B 91 -7.04 4.81 -40.10
CA ASP B 91 -6.10 5.88 -39.77
C ASP B 91 -6.67 7.00 -38.92
N SER B 92 -8.00 7.10 -38.83
CA SER B 92 -8.62 8.12 -37.97
C SER B 92 -8.49 7.81 -36.49
N LEU B 93 -8.16 6.56 -36.14
CA LEU B 93 -7.99 6.20 -34.73
C LEU B 93 -6.74 6.84 -34.13
N ASP B 94 -6.89 7.34 -32.92
CA ASP B 94 -5.80 7.92 -32.16
C ASP B 94 -5.23 6.92 -31.14
N ILE B 95 -6.11 6.13 -30.52
CA ILE B 95 -5.74 5.27 -29.42
C ILE B 95 -6.45 3.89 -29.51
N ILE B 96 -5.68 2.83 -29.28
CA ILE B 96 -6.20 1.45 -29.22
C ILE B 96 -6.15 0.99 -27.78
N VAL B 97 -7.30 0.57 -27.28
CA VAL B 97 -7.43 0.03 -25.94
C VAL B 97 -7.64 -1.47 -26.05
N GLU B 98 -6.67 -2.25 -25.56
CA GLU B 98 -6.73 -3.70 -25.67
C GLU B 98 -7.00 -4.33 -24.31
N VAL B 99 -8.11 -5.06 -24.27
CA VAL B 99 -8.57 -5.75 -23.08
C VAL B 99 -8.99 -7.16 -23.47
N MET B 100 -8.30 -7.73 -24.44
CA MET B 100 -8.67 -9.03 -25.02
C MET B 100 -7.98 -10.20 -24.34
N GLY B 101 -6.74 -10.00 -23.90
CA GLY B 101 -5.92 -11.10 -23.38
C GLY B 101 -5.18 -11.79 -24.50
N GLY B 102 -4.27 -12.69 -24.14
CA GLY B 102 -3.58 -13.53 -25.09
C GLY B 102 -2.26 -12.94 -25.51
N ILE B 103 -1.36 -13.81 -25.95
CA ILE B 103 -0.07 -13.42 -26.50
C ILE B 103 -0.13 -13.43 -28.01
N GLU B 104 -0.69 -14.50 -28.57
CA GLU B 104 -0.89 -14.60 -30.01
C GLU B 104 -2.37 -14.76 -30.31
N PRO B 105 -2.89 -13.96 -31.26
CA PRO B 105 -2.18 -12.99 -32.08
C PRO B 105 -2.10 -11.57 -31.43
N THR B 106 -2.46 -11.45 -30.16
CA THR B 106 -2.70 -10.14 -29.55
C THR B 106 -1.51 -9.19 -29.60
N VAL B 107 -0.33 -9.71 -29.28
CA VAL B 107 0.86 -8.88 -29.23
C VAL B 107 1.19 -8.30 -30.60
N ASP B 108 1.07 -9.11 -31.65
CA ASP B 108 1.27 -8.63 -33.02
C ASP B 108 0.30 -7.51 -33.40
N TRP B 109 -0.97 -7.65 -32.98
CA TRP B 109 -1.93 -6.57 -33.12
C TRP B 109 -1.39 -5.28 -32.53
N LEU B 110 -0.86 -5.35 -31.33
CA LEU B 110 -0.37 -4.15 -30.66
C LEU B 110 0.87 -3.60 -31.37
N ARG B 111 1.71 -4.50 -31.89
CA ARG B 111 2.88 -4.09 -32.65
C ARG B 111 2.49 -3.29 -33.89
N THR B 112 1.49 -3.79 -34.61
CA THR B 112 1.00 -3.10 -35.80
C THR B 112 0.44 -1.72 -35.43
N ALA B 113 -0.35 -1.67 -34.36
CA ALA B 113 -0.93 -0.42 -33.90
C ALA B 113 0.16 0.62 -33.60
N LEU B 114 1.22 0.20 -32.91
CA LEU B 114 2.30 1.11 -32.53
C LEU B 114 3.07 1.61 -33.76
N LYS B 115 3.30 0.70 -34.71
CA LYS B 115 3.99 1.04 -35.94
C LYS B 115 3.18 2.01 -36.79
N ASN B 116 1.84 1.94 -36.66
CA ASN B 116 0.94 2.87 -37.32
C ASN B 116 0.72 4.15 -36.50
N LYS B 117 1.55 4.37 -35.49
CA LYS B 117 1.55 5.61 -34.73
C LYS B 117 0.28 5.77 -33.92
N LYS B 118 -0.22 4.66 -33.38
CA LYS B 118 -1.35 4.71 -32.47
C LYS B 118 -0.88 4.44 -31.04
N HIS B 119 -1.36 5.24 -30.11
CA HIS B 119 -1.14 5.02 -28.70
C HIS B 119 -1.84 3.72 -28.33
N VAL B 120 -1.23 2.97 -27.42
CA VAL B 120 -1.80 1.72 -26.97
C VAL B 120 -1.94 1.69 -25.45
N ILE B 121 -3.12 1.34 -24.99
CA ILE B 121 -3.39 1.09 -23.60
C ILE B 121 -3.86 -0.34 -23.52
N THR B 122 -3.22 -1.14 -22.67
CA THR B 122 -3.56 -2.56 -22.52
C THR B 122 -3.71 -2.94 -21.07
N ALA B 123 -4.71 -3.77 -20.78
CA ALA B 123 -4.88 -4.40 -19.47
C ALA B 123 -4.71 -5.91 -19.63
N ASN B 124 -3.93 -6.32 -20.63
CA ASN B 124 -3.75 -7.74 -20.99
C ASN B 124 -3.02 -8.47 -19.88
N LYS B 125 -3.71 -9.40 -19.22
CA LYS B 125 -3.18 -10.14 -18.06
C LYS B 125 -2.18 -11.25 -18.39
N ASP B 126 -2.07 -11.59 -19.67
CA ASP B 126 -1.15 -12.64 -20.10
C ASP B 126 0.21 -12.12 -20.51
N LEU B 127 0.36 -10.81 -20.62
CA LEU B 127 1.65 -10.26 -21.03
C LEU B 127 2.69 -10.56 -19.95
N LEU B 128 3.92 -10.82 -20.38
CA LEU B 128 5.05 -11.06 -19.52
C LEU B 128 6.09 -9.99 -19.82
N ALA B 129 7.23 -10.03 -19.14
CA ALA B 129 8.19 -8.96 -19.24
C ALA B 129 8.74 -8.83 -20.65
N VAL B 130 8.99 -9.97 -21.31
CA VAL B 130 9.52 -9.96 -22.67
C VAL B 130 8.59 -9.12 -23.56
N HIS B 131 7.28 -9.30 -23.38
CA HIS B 131 6.30 -8.61 -24.20
C HIS B 131 6.19 -7.13 -23.85
N LEU B 132 6.21 -6.80 -22.56
CA LEU B 132 6.14 -5.40 -22.16
C LEU B 132 7.35 -4.62 -22.66
N LYS B 133 8.51 -5.25 -22.64
CA LYS B 133 9.74 -4.60 -23.03
C LYS B 133 9.67 -4.28 -24.52
N LEU B 134 9.35 -5.28 -25.34
CA LEU B 134 9.34 -5.10 -26.79
C LEU B 134 8.29 -4.09 -27.23
N LEU B 135 7.15 -4.08 -26.54
CA LEU B 135 6.12 -3.08 -26.83
C LEU B 135 6.54 -1.67 -26.38
N GLU B 136 7.10 -1.56 -25.17
CA GLU B 136 7.59 -0.27 -24.69
C GLU B 136 8.60 0.37 -25.64
N ASP B 137 9.52 -0.42 -26.18
CA ASP B 137 10.56 0.10 -27.08
C ASP B 137 9.96 0.50 -28.43
N LEU B 138 9.02 -0.32 -28.89
CA LEU B 138 8.38 -0.09 -30.16
C LEU B 138 7.58 1.21 -30.06
N ALA B 139 6.94 1.42 -28.92
CA ALA B 139 6.20 2.65 -28.69
C ALA B 139 7.11 3.89 -28.71
N GLU B 140 8.19 3.85 -27.93
CA GLU B 140 9.16 4.95 -27.87
C GLU B 140 9.72 5.25 -29.25
N GLU B 141 10.06 4.18 -29.96
CA GLU B 141 10.56 4.24 -31.32
C GLU B 141 9.61 4.94 -32.29
N ASN B 142 8.30 4.75 -32.10
CA ASN B 142 7.28 5.33 -32.98
C ASN B 142 6.63 6.59 -32.43
N GLY B 143 7.20 7.14 -31.36
CA GLY B 143 6.73 8.39 -30.78
C GLY B 143 5.36 8.37 -30.13
N VAL B 144 4.94 7.20 -29.64
CA VAL B 144 3.61 7.03 -29.06
C VAL B 144 3.72 6.37 -27.69
N ALA B 145 2.61 6.38 -26.96
CA ALA B 145 2.53 5.92 -25.59
C ALA B 145 2.11 4.46 -25.55
N LEU B 146 2.74 3.70 -24.65
CA LEU B 146 2.23 2.41 -24.26
C LEU B 146 1.93 2.48 -22.77
N LYS B 147 0.69 2.19 -22.39
CA LYS B 147 0.27 2.23 -20.99
C LYS B 147 -0.21 0.85 -20.61
N PHE B 148 0.34 0.32 -19.53
CA PHE B 148 0.06 -1.05 -19.13
C PHE B 148 -0.51 -1.04 -17.70
N GLU B 149 -1.63 -1.74 -17.53
CA GLU B 149 -2.38 -1.81 -16.28
C GLU B 149 -2.59 -3.27 -15.87
N ALA B 150 -1.74 -3.77 -14.98
CA ALA B 150 -1.94 -5.07 -14.33
C ALA B 150 -2.14 -4.87 -12.84
N SER B 151 -3.02 -5.68 -12.25
CA SER B 151 -3.79 -5.32 -11.07
C SER B 151 -3.42 -5.98 -9.75
N VAL B 152 -2.18 -6.43 -9.61
CA VAL B 152 -1.75 -7.04 -8.34
C VAL B 152 -1.44 -5.97 -7.28
N ALA B 153 -2.11 -6.08 -6.13
CA ALA B 153 -1.84 -5.20 -4.98
C ALA B 153 -1.27 -6.07 -3.85
N ILE B 156 -2.81 -1.93 -8.89
CA ILE B 156 -2.27 -1.53 -10.20
C ILE B 156 -0.74 -1.42 -10.12
N PRO B 157 -0.03 -2.40 -10.71
CA PRO B 157 1.41 -2.67 -10.65
C PRO B 157 2.34 -1.47 -10.93
N ILE B 158 2.16 -0.80 -12.08
CA ILE B 158 3.02 0.34 -12.48
C ILE B 158 3.03 1.44 -11.42
N VAL B 159 1.88 1.67 -10.78
CA VAL B 159 1.79 2.62 -9.68
C VAL B 159 2.34 1.98 -8.40
N ASN B 160 1.87 0.78 -8.08
CA ASN B 160 2.25 0.09 -6.85
C ASN B 160 3.64 -0.51 -6.97
N ASN B 170 16.30 2.48 -4.38
CA ASN B 170 15.68 1.47 -5.22
C ASN B 170 15.56 0.12 -4.52
N ILE B 171 14.93 -0.80 -5.21
CA ILE B 171 14.47 -2.05 -4.65
C ILE B 171 15.48 -3.14 -4.87
N SER B 172 15.83 -3.85 -3.81
CA SER B 172 16.77 -4.95 -3.90
C SER B 172 16.06 -6.28 -3.77
N LYS B 173 14.87 -6.29 -3.17
CA LYS B 173 14.14 -7.53 -2.91
C LYS B 173 12.66 -7.24 -2.79
N PHE B 174 11.84 -8.14 -3.30
CA PHE B 174 10.42 -8.15 -2.97
C PHE B 174 9.97 -9.53 -2.66
N MET B 175 8.96 -9.63 -1.80
CA MET B 175 8.31 -10.89 -1.46
C MET B 175 6.82 -10.64 -1.48
N GLY B 176 6.08 -11.56 -2.04
CA GLY B 176 4.68 -11.39 -2.20
C GLY B 176 3.86 -12.65 -2.07
N ILE B 177 2.62 -12.44 -1.67
CA ILE B 177 1.56 -13.40 -1.79
C ILE B 177 0.77 -12.92 -3.00
N LEU B 178 0.88 -13.67 -4.10
CA LEU B 178 0.46 -13.20 -5.41
C LEU B 178 -0.63 -14.05 -6.08
N ASN B 179 -1.16 -15.04 -5.37
CA ASN B 179 -2.24 -15.84 -5.88
C ASN B 179 -3.27 -16.07 -4.79
N GLY B 180 -4.47 -15.53 -4.97
CA GLY B 180 -5.53 -15.64 -4.01
C GLY B 180 -5.99 -17.07 -3.69
N THR B 181 -6.16 -17.90 -4.72
CA THR B 181 -6.65 -19.27 -4.49
C THR B 181 -5.72 -20.10 -3.60
N SER B 182 -4.43 -20.05 -3.90
CA SER B 182 -3.40 -20.76 -3.14
C SER B 182 -3.35 -20.29 -1.72
N ASN B 183 -3.44 -18.98 -1.54
CA ASN B 183 -3.41 -18.43 -0.19
C ASN B 183 -4.64 -18.82 0.58
N PHE B 184 -5.77 -18.83 -0.10
CA PHE B 184 -7.05 -19.23 0.49
C PHE B 184 -6.95 -20.67 0.99
N ILE B 185 -6.38 -21.53 0.18
CA ILE B 185 -6.22 -22.92 0.56
C ILE B 185 -5.32 -23.12 1.79
N LEU B 186 -4.16 -22.46 1.80
CA LEU B 186 -3.27 -22.53 2.97
C LEU B 186 -3.96 -21.96 4.21
N SER B 187 -4.71 -20.86 4.07
CA SER B 187 -5.41 -20.29 5.22
C SER B 187 -6.46 -21.24 5.78
N LYS B 188 -7.20 -21.90 4.88
CA LYS B 188 -8.19 -22.88 5.26
C LYS B 188 -7.56 -24.05 6.01
N MET B 189 -6.46 -24.58 5.49
CA MET B 189 -5.78 -25.69 6.12
C MET B 189 -5.34 -25.31 7.51
N THR B 190 -4.71 -24.14 7.61
CA THR B 190 -4.16 -23.64 8.85
C THR B 190 -5.24 -23.40 9.86
N LYS B 191 -6.27 -22.66 9.46
CA LYS B 191 -7.31 -22.24 10.40
C LYS B 191 -8.25 -23.38 10.75
N GLU B 192 -8.68 -24.15 9.76
CA GLU B 192 -9.68 -25.19 10.01
C GLU B 192 -9.08 -26.60 10.17
N GLN B 193 -7.75 -26.71 10.05
CA GLN B 193 -7.06 -27.98 10.28
C GLN B 193 -7.59 -29.07 9.36
N THR B 194 -7.61 -28.77 8.07
CA THR B 194 -8.00 -29.70 7.02
C THR B 194 -6.78 -30.07 6.19
N THR B 195 -6.89 -31.20 5.49
CA THR B 195 -5.87 -31.61 4.54
C THR B 195 -5.90 -30.68 3.35
N PHE B 196 -4.83 -30.70 2.56
CA PHE B 196 -4.79 -29.93 1.32
C PHE B 196 -5.98 -30.30 0.41
N GLU B 197 -6.24 -31.60 0.27
CA GLU B 197 -7.33 -32.11 -0.59
C GLU B 197 -8.70 -31.58 -0.18
N GLU B 198 -9.00 -31.63 1.12
CA GLU B 198 -10.22 -31.03 1.65
C GLU B 198 -10.28 -29.54 1.38
N ALA B 199 -9.17 -28.83 1.61
CA ALA B 199 -9.17 -27.37 1.45
C ALA B 199 -9.35 -27.00 -0.02
N LEU B 200 -8.73 -27.76 -0.92
CA LEU B 200 -8.89 -27.53 -2.36
C LEU B 200 -10.33 -27.81 -2.81
N ASP B 201 -10.92 -28.90 -2.35
CA ASP B 201 -12.33 -29.17 -2.66
C ASP B 201 -13.22 -28.02 -2.19
N GLU B 202 -12.95 -27.51 -0.98
CA GLU B 202 -13.75 -26.38 -0.48
C GLU B 202 -13.55 -25.12 -1.33
N ALA B 203 -12.33 -24.86 -1.80
CA ALA B 203 -12.10 -23.74 -2.72
C ALA B 203 -12.81 -23.93 -4.08
N LYS B 204 -12.87 -25.15 -4.58
CA LYS B 204 -13.65 -25.44 -5.79
C LYS B 204 -15.12 -25.13 -5.58
N ARG B 205 -15.72 -25.64 -4.52
CA ARG B 205 -17.14 -25.38 -4.34
C ARG B 205 -17.44 -23.88 -4.20
N LEU B 206 -16.52 -23.09 -3.65
CA LEU B 206 -16.75 -21.65 -3.43
C LEU B 206 -16.40 -20.78 -4.61
N GLY B 207 -15.92 -21.37 -5.69
CA GLY B 207 -15.61 -20.63 -6.91
C GLY B 207 -14.23 -20.01 -6.99
N PHE B 208 -13.42 -20.16 -5.94
CA PHE B 208 -12.06 -19.60 -5.96
C PHE B 208 -11.17 -20.43 -6.86
N ALA B 209 -11.27 -21.75 -6.74
CA ALA B 209 -10.47 -22.64 -7.54
C ALA B 209 -11.32 -23.22 -8.68
N GLU B 210 -10.71 -23.43 -9.85
CA GLU B 210 -11.34 -24.09 -10.99
C GLU B 210 -11.12 -25.60 -10.94
N ALA B 211 -11.81 -26.34 -11.81
CA ALA B 211 -11.84 -27.82 -11.78
C ALA B 211 -10.47 -28.41 -11.99
N ASP B 212 -9.73 -27.84 -12.94
CA ASP B 212 -8.31 -28.06 -13.04
C ASP B 212 -7.68 -26.79 -12.45
N PRO B 213 -7.17 -26.87 -11.19
CA PRO B 213 -6.74 -25.68 -10.46
C PRO B 213 -5.24 -25.39 -10.59
N THR B 214 -4.63 -26.15 -11.49
CA THR B 214 -3.23 -26.16 -11.76
C THR B 214 -2.57 -24.76 -11.78
N ASP B 215 -3.14 -23.82 -12.51
CA ASP B 215 -2.55 -22.49 -12.62
C ASP B 215 -2.33 -21.81 -11.26
N ASP B 216 -3.25 -22.08 -10.34
CA ASP B 216 -3.20 -21.56 -9.00
C ASP B 216 -2.33 -22.40 -8.07
N VAL B 217 -2.67 -23.68 -7.94
CA VAL B 217 -1.96 -24.49 -6.94
C VAL B 217 -0.54 -24.85 -7.31
N GLU B 218 -0.19 -24.82 -8.61
CA GLU B 218 1.20 -25.11 -9.03
C GLU B 218 2.03 -23.86 -9.10
N GLY B 219 1.43 -22.73 -8.76
CA GLY B 219 2.18 -21.49 -8.58
C GLY B 219 2.46 -20.74 -9.86
N VAL B 220 1.81 -21.16 -10.96
CA VAL B 220 2.08 -20.58 -12.30
C VAL B 220 1.64 -19.13 -12.34
N ASP B 221 0.42 -18.86 -11.91
CA ASP B 221 -0.08 -17.49 -11.82
C ASP B 221 0.86 -16.58 -10.99
N ALA B 222 1.25 -17.06 -9.82
CA ALA B 222 2.20 -16.32 -8.98
C ALA B 222 3.52 -16.08 -9.70
N ALA B 223 4.01 -17.07 -10.41
CA ALA B 223 5.25 -16.93 -11.15
C ALA B 223 5.14 -15.84 -12.21
N ARG B 224 3.99 -15.77 -12.90
CA ARG B 224 3.80 -14.71 -13.91
C ARG B 224 3.90 -13.34 -13.24
N LYS B 225 3.31 -13.20 -12.07
CA LYS B 225 3.32 -11.94 -11.38
C LYS B 225 4.71 -11.60 -10.84
N VAL B 226 5.49 -12.62 -10.54
CA VAL B 226 6.89 -12.40 -10.17
C VAL B 226 7.72 -11.89 -11.37
N VAL B 227 7.47 -12.43 -12.55
CA VAL B 227 8.13 -11.92 -13.76
C VAL B 227 7.81 -10.43 -13.96
N ILE B 228 6.53 -10.10 -13.88
CA ILE B 228 6.09 -8.71 -14.04
C ILE B 228 6.65 -7.81 -12.94
N THR B 229 6.52 -8.24 -11.70
CA THR B 229 7.03 -7.45 -10.61
C THR B 229 8.56 -7.25 -10.71
N SER B 230 9.27 -8.28 -11.17
CA SER B 230 10.72 -8.16 -11.35
C SER B 230 11.06 -7.13 -12.41
N TYR B 231 10.27 -7.13 -13.48
CA TYR B 231 10.50 -6.18 -14.55
C TYR B 231 10.31 -4.76 -14.04
N LEU B 232 9.22 -4.53 -13.34
CA LEU B 232 8.90 -3.20 -12.86
C LEU B 232 9.84 -2.76 -11.75
N SER B 233 10.24 -3.69 -10.87
CA SER B 233 11.07 -3.34 -9.72
C SER B 233 12.52 -3.15 -10.11
N PHE B 234 13.02 -4.00 -11.00
CA PHE B 234 14.45 -4.06 -11.29
C PHE B 234 14.79 -3.63 -12.72
N ASN B 235 13.79 -3.36 -13.56
CA ASN B 235 14.01 -3.07 -14.99
C ASN B 235 14.79 -4.17 -15.68
N GLN B 236 14.57 -5.41 -15.28
CA GLN B 236 15.21 -6.55 -15.86
C GLN B 236 14.15 -7.50 -16.36
N VAL B 237 14.38 -8.08 -17.51
CA VAL B 237 13.50 -9.05 -18.12
C VAL B 237 13.94 -10.44 -17.73
N ILE B 238 13.07 -11.20 -17.11
CA ILE B 238 13.27 -12.64 -16.94
C ILE B 238 12.14 -13.38 -17.62
N LYS B 239 12.34 -14.65 -17.88
CA LYS B 239 11.32 -15.49 -18.51
C LYS B 239 10.58 -16.25 -17.46
N LEU B 240 9.34 -16.61 -17.77
CA LEU B 240 8.54 -17.40 -16.83
C LEU B 240 9.31 -18.63 -16.34
N ASN B 241 9.98 -19.31 -17.26
CA ASN B 241 10.75 -20.50 -16.90
C ASN B 241 11.98 -20.25 -16.05
N ASP B 242 12.44 -19.02 -15.91
CA ASP B 242 13.53 -18.71 -14.97
C ASP B 242 13.04 -18.66 -13.54
N VAL B 243 11.71 -18.59 -13.33
CA VAL B 243 11.21 -18.53 -11.98
C VAL B 243 11.22 -19.95 -11.40
N LYS B 244 12.04 -20.19 -10.39
CA LYS B 244 12.07 -21.48 -9.71
C LYS B 244 10.74 -21.65 -8.99
N ARG B 245 9.99 -22.67 -9.33
CA ARG B 245 8.60 -22.69 -8.98
C ARG B 245 8.29 -24.03 -8.36
N ARG B 246 7.59 -23.98 -7.23
CA ARG B 246 6.99 -25.13 -6.62
C ARG B 246 5.65 -24.68 -6.07
N GLY B 247 4.63 -25.50 -6.28
CA GLY B 247 3.26 -25.19 -5.83
C GLY B 247 3.00 -25.64 -4.40
N ILE B 248 1.73 -25.59 -4.00
CA ILE B 248 1.30 -25.91 -2.63
C ILE B 248 0.74 -27.31 -2.41
N SER B 249 0.65 -28.13 -3.45
CA SER B 249 -0.05 -29.42 -3.33
C SER B 249 0.64 -30.41 -2.39
N GLY B 250 1.94 -30.26 -2.19
CA GLY B 250 2.66 -31.08 -1.24
C GLY B 250 2.72 -30.54 0.20
N VAL B 251 2.13 -29.38 0.46
CA VAL B 251 2.12 -28.85 1.84
C VAL B 251 1.08 -29.60 2.67
N THR B 252 1.50 -30.08 3.85
CA THR B 252 0.60 -30.85 4.71
C THR B 252 0.32 -30.12 5.98
N LEU B 253 -0.70 -30.59 6.65
CA LEU B 253 -1.10 -30.07 7.92
C LEU B 253 0.04 -30.20 8.95
N THR B 254 0.79 -31.31 8.87
CA THR B 254 2.00 -31.48 9.67
C THR B 254 3.03 -30.35 9.45
N ASP B 255 3.23 -29.95 8.19
CA ASP B 255 4.14 -28.83 7.90
C ASP B 255 3.64 -27.58 8.60
N ILE B 256 2.34 -27.35 8.46
CA ILE B 256 1.71 -26.17 8.99
C ILE B 256 1.81 -26.10 10.52
N ASN B 257 1.50 -27.18 11.19
CA ASN B 257 1.54 -27.23 12.65
C ASN B 257 2.94 -27.24 13.24
N VAL B 258 3.88 -27.91 12.58
CA VAL B 258 5.29 -27.86 13.02
C VAL B 258 5.78 -26.42 12.85
N ALA B 259 5.47 -25.81 11.71
CA ALA B 259 5.90 -24.42 11.47
C ALA B 259 5.31 -23.50 12.53
N ASP B 260 4.05 -23.77 12.86
CA ASP B 260 3.34 -22.99 13.86
C ASP B 260 4.07 -23.04 15.22
N GLN B 261 4.36 -24.25 15.69
CA GLN B 261 5.13 -24.42 16.94
C GLN B 261 6.50 -23.75 16.87
N LEU B 262 7.11 -23.68 15.68
CA LEU B 262 8.40 -22.98 15.55
C LEU B 262 8.31 -21.45 15.45
N GLY B 263 7.10 -20.92 15.33
CA GLY B 263 6.89 -19.48 15.20
C GLY B 263 6.62 -18.94 13.81
N TYR B 264 6.13 -19.78 12.88
CA TYR B 264 6.02 -19.46 11.47
C TYR B 264 4.64 -19.87 10.93
N LYS B 265 4.16 -19.11 9.95
CA LYS B 265 3.11 -19.56 9.08
C LYS B 265 3.72 -20.07 7.78
N ILE B 266 2.94 -20.78 6.98
CA ILE B 266 3.36 -21.20 5.65
C ILE B 266 2.56 -20.44 4.62
N LYS B 267 3.27 -19.81 3.67
CA LYS B 267 2.65 -19.07 2.59
C LYS B 267 3.32 -19.48 1.30
N LEU B 268 2.59 -19.34 0.19
CA LEU B 268 3.20 -19.45 -1.12
C LEU B 268 3.74 -18.08 -1.45
N ILE B 269 5.05 -17.94 -1.43
CA ILE B 269 5.70 -16.64 -1.59
C ILE B 269 6.37 -16.53 -2.94
N GLY B 270 6.12 -15.42 -3.63
CA GLY B 270 6.79 -15.12 -4.88
C GLY B 270 7.82 -14.07 -4.50
N LYS B 271 9.03 -14.28 -4.96
CA LYS B 271 10.15 -13.55 -4.46
C LYS B 271 11.10 -13.19 -5.59
N GLY B 272 11.64 -11.98 -5.54
CA GLY B 272 12.65 -11.51 -6.46
C GLY B 272 13.74 -10.79 -5.69
N ILE B 273 14.97 -11.27 -5.85
CA ILE B 273 16.14 -10.70 -5.20
C ILE B 273 17.09 -10.31 -6.30
N TYR B 274 17.48 -9.04 -6.31
CA TYR B 274 18.33 -8.51 -7.35
C TYR B 274 19.67 -8.22 -6.71
N GLU B 275 20.63 -9.11 -6.98
CA GLU B 275 21.99 -9.04 -6.40
C GLU B 275 23.03 -9.22 -7.52
N ASN B 276 24.01 -8.31 -7.57
CA ASN B 276 25.13 -8.38 -8.53
C ASN B 276 24.66 -8.49 -9.98
N GLY B 277 23.80 -7.56 -10.38
CA GLY B 277 23.23 -7.56 -11.73
C GLY B 277 22.32 -8.73 -12.11
N LYS B 278 22.05 -9.65 -11.17
CA LYS B 278 21.25 -10.85 -11.47
C LYS B 278 19.96 -10.93 -10.62
N VAL B 279 18.84 -11.21 -11.26
CA VAL B 279 17.59 -11.50 -10.58
C VAL B 279 17.46 -12.98 -10.26
N ASN B 280 17.26 -13.33 -9.00
CA ASN B 280 16.88 -14.69 -8.63
C ASN B 280 15.42 -14.67 -8.24
N ALA B 281 14.59 -15.36 -8.99
CA ALA B 281 13.16 -15.27 -8.81
C ALA B 281 12.65 -16.64 -8.51
N SER B 282 11.67 -16.70 -7.62
CA SER B 282 11.09 -17.96 -7.23
C SER B 282 9.68 -17.80 -6.70
N VAL B 283 8.95 -18.91 -6.69
CA VAL B 283 7.66 -19.03 -6.13
C VAL B 283 7.68 -20.39 -5.43
N GLU B 284 7.44 -20.41 -4.13
CA GLU B 284 7.39 -21.70 -3.42
C GLU B 284 6.88 -21.59 -2.00
N PRO B 285 6.44 -22.72 -1.44
CA PRO B 285 6.01 -22.71 -0.04
C PRO B 285 7.17 -22.28 0.83
N THR B 286 6.89 -21.35 1.74
CA THR B 286 7.91 -20.67 2.51
C THR B 286 7.40 -20.50 3.91
N LEU B 287 8.24 -20.74 4.90
CA LEU B 287 7.89 -20.44 6.28
C LEU B 287 8.12 -18.98 6.48
N ILE B 288 7.14 -18.29 7.05
CA ILE B 288 7.26 -16.86 7.29
C ILE B 288 7.02 -16.57 8.76
N ASP B 289 7.98 -15.85 9.36
CA ASP B 289 7.89 -15.50 10.77
C ASP B 289 6.56 -14.84 11.05
N LYS B 290 5.91 -15.26 12.14
CA LYS B 290 4.56 -14.77 12.47
C LYS B 290 4.45 -13.29 12.67
N LYS B 291 5.56 -12.63 12.98
CA LYS B 291 5.55 -11.18 13.19
C LYS B 291 5.65 -10.40 11.88
N HIS B 292 6.01 -11.07 10.81
CA HIS B 292 6.18 -10.40 9.55
C HIS B 292 4.81 -9.97 9.00
N GLN B 293 4.74 -8.79 8.41
CA GLN B 293 3.48 -8.28 7.87
CA GLN B 293 3.49 -8.28 7.90
C GLN B 293 2.82 -9.28 6.93
N LEU B 294 3.62 -10.02 6.17
CA LEU B 294 3.09 -11.02 5.25
C LEU B 294 2.44 -12.22 5.91
N ALA B 295 2.81 -12.51 7.16
CA ALA B 295 2.26 -13.63 7.86
C ALA B 295 0.77 -13.48 8.08
N ALA B 296 0.28 -12.26 8.16
CA ALA B 296 -1.12 -12.01 8.50
C ALA B 296 -2.03 -11.98 7.27
N VAL B 297 -1.47 -12.11 6.08
CA VAL B 297 -2.23 -11.91 4.84
C VAL B 297 -2.92 -13.23 4.54
N GLU B 298 -4.23 -13.26 4.73
CA GLU B 298 -5.01 -14.48 4.75
C GLU B 298 -6.02 -14.51 3.58
N ASP B 299 -6.50 -15.72 3.30
CA ASP B 299 -7.62 -15.97 2.41
C ASP B 299 -7.21 -15.52 1.03
N GLU B 300 -8.10 -14.83 0.30
CA GLU B 300 -7.81 -14.47 -1.05
C GLU B 300 -7.05 -13.15 -1.16
N TYR B 301 -6.68 -12.54 -0.04
CA TYR B 301 -5.90 -11.30 -0.11
C TYR B 301 -4.47 -11.57 -0.58
N ASN B 302 -3.94 -10.57 -1.28
CA ASN B 302 -2.60 -10.58 -1.80
C ASN B 302 -1.83 -9.41 -1.17
N ALA B 303 -0.51 -9.42 -1.33
CA ALA B 303 0.32 -8.37 -0.82
C ALA B 303 1.67 -8.46 -1.46
N ILE B 304 2.29 -7.28 -1.63
CA ILE B 304 3.66 -7.17 -2.10
C ILE B 304 4.47 -6.35 -1.11
N TYR B 305 5.51 -6.98 -0.59
CA TYR B 305 6.39 -6.44 0.43
C TYR B 305 7.73 -6.11 -0.22
N VAL B 306 8.14 -4.86 -0.10
CA VAL B 306 9.24 -4.34 -0.86
C VAL B 306 10.31 -3.84 0.09
N ILE B 307 11.53 -4.25 -0.19
CA ILE B 307 12.71 -3.95 0.61
C ILE B 307 13.72 -3.20 -0.28
N GLY B 308 14.35 -2.17 0.31
CA GLY B 308 15.35 -1.37 -0.40
C GLY B 308 16.34 -0.63 0.49
N VAL B 311 16.37 3.02 4.15
CA VAL B 311 15.03 3.07 3.59
C VAL B 311 14.18 1.98 4.24
N GLY B 312 13.04 2.33 4.83
CA GLY B 312 12.18 1.32 5.45
C GLY B 312 11.48 0.41 4.45
N ASP B 313 11.01 -0.74 4.91
CA ASP B 313 10.20 -1.63 4.07
C ASP B 313 8.84 -1.02 3.80
N THR B 314 8.21 -1.43 2.73
CA THR B 314 6.87 -1.02 2.42
C THR B 314 6.06 -2.23 1.97
N MET B 315 4.74 -2.10 2.05
CA MET B 315 3.85 -3.16 1.61
C MET B 315 2.55 -2.57 1.09
N PHE B 316 2.03 -3.19 0.05
CA PHE B 316 0.73 -2.92 -0.49
C PHE B 316 -0.08 -4.23 -0.35
N TYR B 317 -1.30 -4.11 0.17
CA TYR B 317 -2.15 -5.24 0.53
C TYR B 317 -3.48 -4.99 -0.13
N GLY B 318 -4.08 -6.04 -0.67
CA GLY B 318 -5.42 -5.95 -1.25
C GLY B 318 -5.68 -7.17 -2.10
N LYS B 319 -6.91 -7.35 -2.53
CA LYS B 319 -7.23 -8.45 -3.43
C LYS B 319 -6.84 -8.06 -4.84
N GLY B 320 -6.99 -8.99 -5.78
CA GLY B 320 -6.69 -8.68 -7.19
C GLY B 320 -7.70 -7.63 -7.68
N ALA B 321 -7.22 -6.56 -8.32
CA ALA B 321 -8.12 -5.50 -8.79
C ALA B 321 -9.24 -6.13 -9.59
N GLY B 322 -10.46 -5.65 -9.37
CA GLY B 322 -11.63 -6.17 -10.05
C GLY B 322 -11.82 -5.45 -11.37
N SER B 323 -12.82 -5.88 -12.12
CA SER B 323 -13.10 -5.32 -13.45
C SER B 323 -13.32 -3.82 -13.41
N LEU B 324 -14.09 -3.35 -12.44
CA LEU B 324 -14.42 -1.95 -12.35
C LEU B 324 -13.17 -1.11 -12.10
N ALA B 325 -12.29 -1.59 -11.22
CA ALA B 325 -11.03 -0.89 -10.94
C ALA B 325 -10.08 -0.94 -12.15
N THR B 326 -10.01 -2.09 -12.81
CA THR B 326 -9.18 -2.24 -14.01
C THR B 326 -9.68 -1.28 -15.10
N GLY B 327 -10.98 -1.35 -15.38
CA GLY B 327 -11.60 -0.45 -16.33
C GLY B 327 -11.36 0.99 -15.95
N SER B 328 -11.49 1.27 -14.66
CA SER B 328 -11.21 2.62 -14.17
C SER B 328 -9.77 3.05 -14.42
N ALA B 329 -8.82 2.16 -14.20
CA ALA B 329 -7.42 2.46 -14.49
C ALA B 329 -7.19 2.71 -16.00
N VAL B 330 -7.82 1.88 -16.84
CA VAL B 330 -7.73 2.05 -18.30
C VAL B 330 -8.17 3.44 -18.71
N VAL B 331 -9.28 3.91 -18.17
CA VAL B 331 -9.80 5.22 -18.55
C VAL B 331 -8.91 6.34 -18.02
N SER B 332 -8.35 6.17 -16.83
CA SER B 332 -7.31 7.10 -16.35
C SER B 332 -6.16 7.19 -17.35
N ASP B 333 -5.57 6.04 -17.68
CA ASP B 333 -4.48 5.99 -18.66
C ASP B 333 -4.91 6.68 -19.95
N LEU B 334 -6.13 6.41 -20.37
CA LEU B 334 -6.68 6.98 -21.58
C LEU B 334 -6.72 8.50 -21.52
N LEU B 335 -7.25 9.03 -20.44
CA LEU B 335 -7.24 10.48 -20.21
C LEU B 335 -5.82 11.05 -20.11
N ASN B 336 -4.91 10.34 -19.45
CA ASN B 336 -3.51 10.80 -19.38
C ASN B 336 -2.88 10.98 -20.76
N VAL B 337 -3.07 9.99 -21.62
CA VAL B 337 -2.55 10.06 -22.98
C VAL B 337 -3.22 11.19 -23.75
N ALA B 338 -4.50 11.40 -23.51
CA ALA B 338 -5.25 12.50 -24.13
C ALA B 338 -4.67 13.84 -23.72
N LEU B 339 -4.52 14.03 -22.41
CA LEU B 339 -4.03 15.27 -21.83
C LEU B 339 -2.57 15.52 -22.22
N PHE B 340 -1.70 14.54 -22.00
CA PHE B 340 -0.28 14.66 -22.34
C PHE B 340 0.07 14.12 -23.74
N PHE B 341 -0.68 14.53 -24.76
CA PHE B 341 -0.34 14.16 -26.15
C PHE B 341 -1.33 14.72 -27.17
N PRO B 350 18.26 9.60 -11.67
CA PRO B 350 17.72 10.24 -10.46
C PRO B 350 18.69 10.15 -9.27
N HIS B 351 19.94 10.55 -9.50
CA HIS B 351 21.08 10.35 -8.57
C HIS B 351 21.03 11.05 -7.21
N PHE B 352 20.63 10.32 -6.16
CA PHE B 352 20.54 10.88 -4.81
C PHE B 352 21.83 10.85 -3.99
N GLU B 353 22.95 10.47 -4.61
CA GLU B 353 24.26 10.43 -3.94
C GLU B 353 24.14 9.93 -2.49
N LEU B 354 24.81 10.58 -1.56
CA LEU B 354 24.63 10.30 -0.13
C LEU B 354 25.12 11.48 0.72
N GLU B 373 23.66 -11.72 1.34
CA GLU B 373 22.44 -12.30 1.93
C GLU B 373 22.54 -13.82 2.06
N LYS B 374 22.64 -14.33 3.29
CA LYS B 374 22.50 -15.77 3.57
C LYS B 374 21.03 -16.20 3.42
N SER B 375 20.80 -17.50 3.47
CA SER B 375 19.47 -18.09 3.34
C SER B 375 19.20 -19.00 4.52
N ASN B 376 17.90 -19.12 4.84
CA ASN B 376 17.44 -19.95 5.96
C ASN B 376 16.51 -21.00 5.42
N PHE B 377 16.56 -22.20 6.01
CA PHE B 377 15.89 -23.37 5.46
C PHE B 377 15.13 -24.20 6.51
N PHE B 378 14.00 -24.74 6.10
CA PHE B 378 13.19 -25.68 6.89
C PHE B 378 13.38 -27.03 6.22
N VAL B 379 14.02 -27.95 6.91
CA VAL B 379 14.37 -29.25 6.32
C VAL B 379 13.65 -30.38 7.04
N VAL B 380 12.99 -31.25 6.28
CA VAL B 380 12.27 -32.37 6.82
C VAL B 380 13.00 -33.64 6.42
N VAL B 381 13.37 -34.43 7.40
CA VAL B 381 14.11 -35.69 7.19
C VAL B 381 13.27 -36.86 7.69
N ASN B 382 13.18 -37.93 6.90
CA ASN B 382 12.41 -39.16 7.23
C ASN B 382 13.33 -40.31 7.52
N HIS B 383 12.74 -41.39 8.01
CA HIS B 383 13.45 -42.66 8.29
C HIS B 383 14.67 -42.42 9.14
N VAL B 384 14.55 -41.53 10.10
CA VAL B 384 15.66 -41.28 10.99
C VAL B 384 15.56 -42.22 12.20
N LYS B 385 16.59 -43.03 12.39
CA LYS B 385 16.72 -43.85 13.61
C LYS B 385 17.36 -42.98 14.68
N GLY B 386 17.01 -43.23 15.94
CA GLY B 386 17.62 -42.51 17.05
C GLY B 386 16.81 -41.29 17.45
N SER B 387 17.28 -40.63 18.49
CA SER B 387 16.55 -39.58 19.14
C SER B 387 16.72 -38.25 18.42
N ILE B 388 15.91 -37.29 18.82
CA ILE B 388 15.98 -35.94 18.30
C ILE B 388 17.30 -35.24 18.70
N GLU B 389 17.80 -35.55 19.89
CA GLU B 389 19.07 -34.99 20.36
C GLU B 389 20.22 -35.47 19.48
N ASN B 390 20.21 -36.75 19.18
CA ASN B 390 21.21 -37.33 18.31
C ASN B 390 21.13 -36.79 16.88
N PHE B 391 19.92 -36.63 16.35
CA PHE B 391 19.76 -36.01 15.03
C PHE B 391 20.34 -34.58 15.02
N GLU B 392 20.05 -33.84 16.08
CA GLU B 392 20.54 -32.48 16.20
C GLU B 392 22.07 -32.45 16.21
N ASN B 393 22.66 -33.30 17.04
CA ASN B 393 24.13 -33.45 17.09
C ASN B 393 24.71 -33.87 15.75
N GLU B 394 24.11 -34.84 15.08
CA GLU B 394 24.57 -35.20 13.73
C GLU B 394 24.50 -34.01 12.74
N LEU B 395 23.40 -33.27 12.73
CA LEU B 395 23.28 -32.08 11.90
C LEU B 395 24.34 -31.05 12.21
N LYS B 396 24.59 -30.80 13.49
CA LYS B 396 25.65 -29.88 13.89
C LYS B 396 27.00 -30.29 13.31
N ALA B 397 27.28 -31.58 13.30
CA ALA B 397 28.54 -32.08 12.75
C ALA B 397 28.63 -31.98 11.21
N ILE B 398 27.53 -32.21 10.51
CA ILE B 398 27.66 -32.25 9.06
C ILE B 398 27.46 -30.92 8.34
N LEU B 399 26.65 -30.04 8.92
CA LEU B 399 26.37 -28.76 8.29
C LEU B 399 27.64 -27.95 8.23
N PRO B 400 27.78 -27.09 7.20
CA PRO B 400 28.83 -26.10 7.26
C PRO B 400 28.47 -25.05 8.28
N PHE B 401 29.32 -24.04 8.45
CA PHE B 401 29.08 -23.05 9.50
C PHE B 401 27.79 -22.33 9.19
N HIS B 402 27.00 -22.07 10.22
CA HIS B 402 25.71 -21.41 10.05
C HIS B 402 25.44 -20.65 11.35
N ARG B 403 24.39 -19.83 11.37
CA ARG B 403 24.14 -18.95 12.52
C ARG B 403 23.40 -19.71 13.63
N SER B 404 22.35 -20.46 13.30
CA SER B 404 21.63 -21.20 14.31
C SER B 404 20.82 -22.37 13.74
N LEU B 405 20.45 -23.27 14.65
CA LEU B 405 19.82 -24.53 14.34
C LEU B 405 18.84 -24.86 15.44
N ARG B 406 17.61 -25.23 15.05
CA ARG B 406 16.61 -25.76 15.97
C ARG B 406 15.93 -26.94 15.29
N VAL B 407 15.59 -27.97 16.06
CA VAL B 407 15.02 -29.18 15.52
C VAL B 407 13.68 -29.43 16.19
N ALA B 408 12.81 -30.16 15.52
CA ALA B 408 11.48 -30.39 16.01
C ALA B 408 11.05 -31.76 15.58
N ASN B 409 10.20 -32.40 16.37
CA ASN B 409 9.53 -33.63 15.94
C ASN B 409 8.56 -33.34 14.82
N TYR B 410 8.50 -34.23 13.84
CA TYR B 410 7.65 -34.03 12.68
C TYR B 410 6.63 -35.13 12.55
N ASP B 411 7.11 -36.38 12.58
CA ASP B 411 6.28 -37.58 12.47
C ASP B 411 7.11 -38.74 13.02
N ASN B 412 6.58 -39.97 12.97
CA ASN B 412 7.34 -41.13 13.40
C ASN B 412 8.67 -41.27 12.62
N GLN B 413 9.78 -41.29 13.34
CA GLN B 413 11.12 -41.30 12.74
C GLN B 413 11.39 -40.17 11.75
N SER B 414 10.69 -39.04 11.92
CA SER B 414 10.90 -37.85 11.10
CA SER B 414 10.91 -37.87 11.09
C SER B 414 11.11 -36.65 11.98
N TYR B 415 12.08 -35.84 11.60
CA TYR B 415 12.41 -34.62 12.32
C TYR B 415 12.52 -33.47 11.32
N ALA B 416 12.28 -32.27 11.79
CA ALA B 416 12.42 -31.08 10.98
C ALA B 416 13.45 -30.18 11.63
N ALA B 417 14.13 -29.40 10.81
CA ALA B 417 15.14 -28.48 11.29
C ALA B 417 14.98 -27.15 10.62
N VAL B 418 15.10 -26.09 11.39
CA VAL B 418 15.19 -24.75 10.82
C VAL B 418 16.62 -24.32 11.02
N ILE B 419 17.30 -24.00 9.93
CA ILE B 419 18.69 -23.65 9.94
C ILE B 419 18.81 -22.25 9.40
N VAL B 420 19.46 -21.38 10.18
CA VAL B 420 19.61 -20.00 9.79
C VAL B 420 21.04 -19.79 9.36
N GLY B 421 21.23 -19.15 8.19
CA GLY B 421 22.51 -18.63 7.78
C GLY B 421 23.39 -19.57 6.97
N LEU B 422 22.81 -20.29 6.02
CA LEU B 422 23.55 -21.13 5.08
C LEU B 422 23.62 -20.39 3.76
N GLU B 423 24.60 -20.73 2.93
CA GLU B 423 24.69 -20.14 1.58
C GLU B 423 23.75 -20.82 0.59
N SER B 424 23.42 -22.08 0.84
CA SER B 424 22.56 -22.80 -0.08
C SER B 424 21.89 -23.97 0.63
N SER B 425 20.91 -24.57 -0.05
CA SER B 425 20.18 -25.68 0.51
C SER B 425 21.13 -26.80 0.94
N PRO B 426 20.98 -27.30 2.18
CA PRO B 426 21.75 -28.42 2.65
C PRO B 426 21.14 -29.78 2.22
N GLU B 427 20.14 -29.77 1.35
CA GLU B 427 19.50 -31.01 0.89
C GLU B 427 20.46 -32.04 0.30
N GLU B 428 21.26 -31.66 -0.69
CA GLU B 428 22.21 -32.63 -1.27
C GLU B 428 23.20 -33.16 -0.23
N LEU B 429 23.71 -32.26 0.60
CA LEU B 429 24.68 -32.63 1.63
C LEU B 429 24.11 -33.66 2.60
N ILE B 430 22.91 -33.39 3.11
CA ILE B 430 22.27 -34.28 4.06
C ILE B 430 21.97 -35.62 3.37
N THR B 431 21.58 -35.57 2.11
CA THR B 431 21.39 -36.77 1.31
C THR B 431 22.67 -37.57 1.22
N LYS B 432 23.81 -36.92 0.92
CA LYS B 432 25.08 -37.64 0.76
C LYS B 432 25.60 -38.18 2.05
N HIS B 433 25.12 -37.68 3.18
CA HIS B 433 25.44 -38.33 4.44
C HIS B 433 24.49 -39.51 4.78
N GLY B 434 23.63 -39.90 3.85
CA GLY B 434 22.80 -41.10 4.01
C GLY B 434 21.45 -40.87 4.67
N TYR B 435 20.98 -39.63 4.77
CA TYR B 435 19.62 -39.35 5.27
C TYR B 435 18.65 -39.20 4.13
N GLU B 436 17.40 -39.46 4.45
CA GLU B 436 16.34 -39.34 3.50
C GLU B 436 15.65 -37.97 3.70
N VAL B 437 15.90 -37.04 2.80
CA VAL B 437 15.29 -35.72 2.90
C VAL B 437 13.95 -35.74 2.22
N ASP B 438 12.90 -35.41 2.94
CA ASP B 438 11.57 -35.34 2.35
C ASP B 438 11.49 -34.09 1.51
N LYS B 439 11.75 -32.94 2.12
CA LYS B 439 11.72 -31.67 1.40
C LYS B 439 12.37 -30.55 2.20
N VAL B 440 12.62 -29.45 1.51
CA VAL B 440 13.19 -28.26 2.08
C VAL B 440 12.37 -27.05 1.64
N TYR B 441 11.96 -26.21 2.58
CA TYR B 441 11.28 -24.94 2.30
C TYR B 441 12.13 -23.80 2.82
N PRO B 442 12.21 -22.68 2.07
CA PRO B 442 12.93 -21.53 2.61
C PRO B 442 12.20 -20.95 3.81
N VAL B 443 12.94 -20.22 4.62
CA VAL B 443 12.44 -19.58 5.80
C VAL B 443 12.74 -18.09 5.68
N GLU B 444 11.72 -17.27 5.81
CA GLU B 444 11.82 -15.82 5.70
C GLU B 444 11.29 -15.10 6.91
N GLY B 445 11.60 -13.80 6.97
CA GLY B 445 11.21 -12.89 8.06
C GLY B 445 12.09 -13.00 9.29
N VAL B 446 13.14 -13.81 9.18
CA VAL B 446 14.05 -14.02 10.30
C VAL B 446 14.81 -12.75 10.66
N LEU B 447 14.87 -12.45 11.95
CA LEU B 447 15.58 -11.27 12.48
C LEU B 447 16.99 -11.68 12.91
C ACT C . -11.93 -12.81 19.00
O ACT C . -12.74 -13.14 18.11
OXT ACT C . -11.77 -11.62 19.36
CH3 ACT C . -11.10 -13.88 19.65
C ACT D . 8.33 22.22 6.62
O ACT D . 7.15 22.29 6.95
OXT ACT D . 9.15 23.03 7.06
CH3 ACT D . 8.80 21.11 5.72
C ACT E . -12.65 10.71 22.40
O ACT E . -12.30 10.52 21.22
OXT ACT E . -12.58 11.84 22.94
CH3 ACT E . -13.16 9.56 23.20
C ACT F . -26.53 -11.75 21.97
O ACT F . -26.82 -12.76 21.32
OXT ACT F . -27.38 -10.99 22.46
CH3 ACT F . -25.08 -11.44 22.18
C ACT G . 15.54 29.27 7.50
O ACT G . 14.79 28.91 6.60
OXT ACT G . 15.20 30.19 8.25
CH3 ACT G . 16.84 28.57 7.63
C ACT H . 10.10 -4.40 10.41
O ACT H . 11.23 -4.07 10.01
OXT ACT H . 9.85 -4.35 11.64
CH3 ACT H . 9.04 -4.81 9.42
C ACT I . 11.74 33.40 -17.71
O ACT I . 11.98 33.12 -18.90
OXT ACT I . 10.95 34.32 -17.40
CH3 ACT I . 12.42 32.62 -16.63
C ACT J . -18.20 17.07 5.95
O ACT J . -18.46 16.44 4.90
OXT ACT J . -18.66 16.73 7.07
CH3 ACT J . -17.31 18.28 5.89
C ACT K . 1.62 -10.28 25.94
O ACT K . 0.50 -9.75 26.16
OXT ACT K . 2.05 -11.24 26.63
CH3 ACT K . 2.48 -9.76 24.81
C1 PEG L . -13.52 17.98 19.70
O1 PEG L . -14.01 17.20 18.58
C2 PEG L . -12.04 18.29 19.47
O2 PEG L . -11.22 17.82 20.55
C3 PEG L . -11.16 16.40 20.63
C4 PEG L . -11.60 15.93 22.00
O4 PEG L . -10.69 16.46 22.97
C ACT M . -7.69 -9.26 -20.33
O ACT M . -8.05 -8.20 -19.80
OXT ACT M . -6.55 -9.71 -20.22
CH3 ACT M . -8.73 -10.05 -21.06
C ACT N . 31.98 -27.65 11.29
O ACT N . 31.55 -28.83 11.34
OXT ACT N . 32.91 -27.28 12.01
CH3 ACT N . 31.38 -26.65 10.36
C ACT O . 18.55 -10.87 -15.02
O ACT O . 17.81 -11.08 -16.02
OXT ACT O . 18.67 -11.69 -14.09
CH3 ACT O . 19.33 -9.60 -14.93
C ACT P . 12.46 -24.67 -5.90
O ACT P . 11.55 -23.81 -5.96
OXT ACT P . 12.30 -25.74 -5.29
CH3 ACT P . 13.76 -24.41 -6.59
C ACT Q . 5.18 -19.15 18.40
O ACT Q . 4.24 -19.69 17.82
OXT ACT Q . 6.11 -19.85 18.88
CH3 ACT Q . 5.18 -17.66 18.52
C ACT R . 22.82 -42.13 8.71
O ACT R . 22.14 -41.68 7.75
OXT ACT R . 22.29 -42.57 9.74
CH3 ACT R . 24.32 -42.14 8.61
C ACT S . 12.25 0.00 -20.96
O ACT S . 11.79 -0.32 -22.11
OXT ACT S . 13.22 -0.59 -20.41
CH3 ACT S . 11.62 1.11 -20.18
C1 GOL T . -20.52 -3.26 -40.16
O1 GOL T . -20.79 -1.85 -40.25
C2 GOL T . -19.04 -3.53 -40.39
O2 GOL T . -18.27 -2.29 -40.52
C3 GOL T . -18.54 -4.47 -39.28
O3 GOL T . -17.16 -4.79 -39.48
C1 PEG U . -16.37 -12.26 -26.83
O1 PEG U . -17.00 -12.52 -28.10
C2 PEG U . -14.90 -11.87 -27.02
O2 PEG U . -14.66 -10.61 -26.40
C3 PEG U . -14.34 -10.80 -25.01
C4 PEG U . -12.83 -10.71 -24.84
O4 PEG U . -12.51 -10.60 -23.45
C1 PEG V . -20.37 -17.69 -35.86
O1 PEG V . -19.13 -17.48 -36.55
C2 PEG V . -20.94 -16.35 -35.44
O2 PEG V . -21.62 -15.74 -36.53
C3 PEG V . -20.80 -14.89 -37.34
C4 PEG V . -20.41 -15.61 -38.62
O4 PEG V . -21.13 -16.83 -38.79
S DMS W . 11.35 -17.76 16.12
O DMS W . 12.17 -16.70 15.55
C1 DMS W . 12.32 -18.53 17.32
C2 DMS W . 10.18 -17.02 17.13
#